data_6MA1
#
_entry.id   6MA1
#
_cell.length_a   100.303
_cell.length_b   100.303
_cell.length_c   130.301
_cell.angle_alpha   90.000
_cell.angle_beta   90.000
_cell.angle_gamma   120.000
#
_symmetry.space_group_name_H-M   'P 32 2 1'
#
loop_
_entity.id
_entity.type
_entity.pdbx_description
1 polymer 'UDP-N-acetylglucosamine--peptide N-acetylglucosaminyltransferase 110 kDa subunit'
2 polymer 'Host Cell Factor 1 peptide'
3 non-polymer N-[(2R)-2-{[(7-chloro-2-oxo-1,2-dihydroquinolin-6-yl)sulfonyl]amino}-2-(2-methoxyphenyl)acetyl]-N-[(thiophen-2-yl)methyl]glycine
4 water water
#
loop_
_entity_poly.entity_id
_entity_poly.type
_entity_poly.pdbx_seq_one_letter_code
_entity_poly.pdbx_strand_id
1 'polypeptide(L)'
;GPGSCPTHADSLNNLANIKREQGNIEEAVRLYRKALEVFPEFAAAHSNLASVLQQQGKLQEALMHYKEAIRISPTFADAY
SNMGNTLKEMQDVQGALQCYTRAIQINPAFADAHSNLASIHKDSGNIPEAIASYRTALKLKPDFPDAYCNLAHCLQIVCD
WTDYDERMKKLVSIVADQLEKNRLPSVHPHHSMLYPLSHGFRKAIAERHGNLCLDKINVLHKPPYEHPKDLKLSDGRLRV
GYVSSDFGNHPTSHLMQSIPGMHNPDKFEVFCYALSPDDGTNFRVKVMAEANHFIDLSQIPCNGKAADRIHQDGIHILVN
MNGYTKGARNELFALRPAPIQAMWLGYPGTSGALFMDYIITDQETSPAEVAEQYSEKLAYMPHTFFIGDHANMFPHLKKK
AVIDFKSNGHIYDNRIVLNGIDLKAFLDSLPDVKIVKMKCPDGGDNADSSNTALNMPVIPMNTIAEAVIEMINRGQIQIT
INGFSISNGLATTQINNKAATGEEVPRTIIVTTRSQYGLPEDAIVYCNFNQLYKIDPSTLQMWANILKRVPNSVLWLLRF
PAVGEPNIQQYAQNMGLPQNRIIFSPVAPKEEHVRRGQLADVCLDTPLCNGHTTGMDVLWAGTPMVTMPGETLASRVAAS
QLTCLGCLELIAKNRQEYEDIAVKLGTDLEYLKKVRGKVWKQRISSPLFNTKQYTMELERLYLQMWEHYAAGNKPDHMIK
PVE
;
A
2 'polypeptide(L)' THETGTTNTATTATSN B
#
loop_
_chem_comp.id
_chem_comp.type
_chem_comp.name
_chem_comp.formula
JA4 non-polymer N-[(2R)-2-{[(7-chloro-2-oxo-1,2-dihydroquinolin-6-yl)sulfonyl]amino}-2-(2-methoxyphenyl)acetyl]-N-[(thiophen-2-yl)methyl]glycine 'C25 H22 Cl N3 O7 S2'
#
# COMPACT_ATOMS: atom_id res chain seq x y z
N CYS A 5 -13.50 48.69 12.10
CA CYS A 5 -12.69 49.25 11.03
C CYS A 5 -12.26 48.18 10.03
N PRO A 6 -13.04 47.98 8.97
CA PRO A 6 -12.69 46.96 7.97
C PRO A 6 -11.37 47.24 7.26
N THR A 7 -10.92 48.49 7.22
CA THR A 7 -9.66 48.80 6.55
C THR A 7 -8.48 48.26 7.35
N HIS A 8 -8.46 48.50 8.67
CA HIS A 8 -7.39 47.95 9.50
C HIS A 8 -7.48 46.43 9.58
N ALA A 9 -8.69 45.90 9.78
CA ALA A 9 -8.85 44.44 9.79
C ALA A 9 -8.41 43.84 8.47
N ASP A 10 -8.56 44.58 7.37
CA ASP A 10 -8.08 44.08 6.08
C ASP A 10 -6.56 44.00 6.07
N SER A 11 -5.88 44.99 6.63
N SER A 11 -5.88 45.00 6.63
CA SER A 11 -4.43 44.95 6.72
CA SER A 11 -4.43 44.95 6.72
C SER A 11 -3.98 43.76 7.57
C SER A 11 -3.99 43.75 7.55
N LEU A 12 -4.65 43.51 8.69
CA LEU A 12 -4.33 42.36 9.51
C LEU A 12 -4.63 41.05 8.79
N ASN A 13 -5.68 41.03 7.96
CA ASN A 13 -6.04 39.81 7.25
C ASN A 13 -5.03 39.49 6.14
N ASN A 14 -4.52 40.53 5.47
CA ASN A 14 -3.49 40.31 4.46
C ASN A 14 -2.16 39.92 5.10
N LEU A 15 -1.80 40.56 6.20
CA LEU A 15 -0.59 40.18 6.92
C LEU A 15 -0.67 38.74 7.39
N ALA A 16 -1.86 38.32 7.86
CA ALA A 16 -2.01 36.93 8.31
C ALA A 16 -1.86 35.96 7.14
N ASN A 17 -2.36 36.34 5.96
CA ASN A 17 -2.17 35.50 4.78
C ASN A 17 -0.68 35.34 4.45
N ILE A 18 0.10 36.41 4.62
CA ILE A 18 1.53 36.32 4.33
C ILE A 18 2.22 35.40 5.34
N LYS A 19 2.00 35.64 6.63
CA LYS A 19 2.54 34.75 7.65
C LYS A 19 2.08 33.31 7.42
N ARG A 20 0.89 33.13 6.88
CA ARG A 20 0.37 31.79 6.63
C ARG A 20 1.16 31.09 5.53
N GLU A 21 1.54 31.82 4.49
CA GLU A 21 2.35 31.23 3.43
C GLU A 21 3.74 30.85 3.93
N GLN A 22 4.31 31.63 4.85
CA GLN A 22 5.63 31.37 5.39
C GLN A 22 5.65 30.25 6.42
N GLY A 23 4.52 29.57 6.64
CA GLY A 23 4.45 28.50 7.61
C GLY A 23 4.22 28.94 9.04
N ASN A 24 4.15 30.24 9.30
CA ASN A 24 3.94 30.76 10.65
C ASN A 24 2.44 30.73 10.97
N ILE A 25 1.96 29.53 11.28
CA ILE A 25 0.52 29.35 11.48
C ILE A 25 0.06 29.99 12.77
N GLU A 26 0.84 29.86 13.85
CA GLU A 26 0.44 30.45 15.12
C GLU A 26 0.23 31.95 14.98
N GLU A 27 1.15 32.64 14.33
CA GLU A 27 1.00 34.09 14.14
C GLU A 27 -0.17 34.40 13.22
N ALA A 28 -0.39 33.58 12.19
CA ALA A 28 -1.54 33.77 11.32
C ALA A 28 -2.85 33.70 12.12
N VAL A 29 -2.96 32.72 13.01
CA VAL A 29 -4.14 32.61 13.86
C VAL A 29 -4.28 33.86 14.73
N ARG A 30 -3.16 34.34 15.28
CA ARG A 30 -3.22 35.53 16.12
C ARG A 30 -3.65 36.75 15.32
N LEU A 31 -3.23 36.82 14.05
CA LEU A 31 -3.57 37.98 13.23
C LEU A 31 -5.01 37.91 12.72
N TYR A 32 -5.48 36.70 12.38
CA TYR A 32 -6.88 36.57 11.97
C TYR A 32 -7.83 36.95 13.10
N ARG A 33 -7.53 36.52 14.32
CA ARG A 33 -8.39 36.86 15.45
C ARG A 33 -8.34 38.36 15.74
N LYS A 34 -7.15 38.96 15.65
CA LYS A 34 -7.04 40.41 15.85
C LYS A 34 -7.88 41.14 14.81
N ALA A 35 -7.86 40.66 13.56
CA ALA A 35 -8.72 41.24 12.54
C ALA A 35 -10.20 41.09 12.91
N LEU A 36 -10.56 39.99 13.57
CA LEU A 36 -11.94 39.80 14.00
C LEU A 36 -12.29 40.64 15.22
N GLU A 37 -11.30 41.11 15.97
CA GLU A 37 -11.57 42.11 17.00
C GLU A 37 -11.83 43.46 16.38
N VAL A 38 -11.03 43.85 15.38
CA VAL A 38 -11.21 45.14 14.73
C VAL A 38 -12.46 45.15 13.85
N PHE A 39 -12.87 43.97 13.37
CA PHE A 39 -14.00 43.87 12.45
C PHE A 39 -14.70 42.55 12.71
N PRO A 40 -15.63 42.51 13.67
CA PRO A 40 -16.26 41.23 14.02
C PRO A 40 -16.95 40.54 12.85
N GLU A 41 -17.58 41.30 11.96
CA GLU A 41 -18.30 40.74 10.82
C GLU A 41 -17.41 40.54 9.60
N PHE A 42 -16.13 40.21 9.80
CA PHE A 42 -15.18 40.01 8.71
C PHE A 42 -15.32 38.57 8.24
N ALA A 43 -16.15 38.36 7.21
CA ALA A 43 -16.36 37.01 6.72
C ALA A 43 -15.08 36.39 6.16
N ALA A 44 -14.18 37.22 5.62
CA ALA A 44 -12.93 36.69 5.08
C ALA A 44 -12.01 36.21 6.20
N ALA A 45 -11.96 36.95 7.31
CA ALA A 45 -11.13 36.53 8.44
C ALA A 45 -11.66 35.26 9.08
N HIS A 46 -12.99 35.13 9.19
CA HIS A 46 -13.57 33.90 9.72
C HIS A 46 -13.14 32.69 8.89
N SER A 47 -13.18 32.82 7.57
CA SER A 47 -12.83 31.70 6.70
C SER A 47 -11.33 31.42 6.74
N ASN A 48 -10.50 32.45 6.58
CA ASN A 48 -9.06 32.25 6.63
C ASN A 48 -8.63 31.68 7.98
N LEU A 49 -9.24 32.16 9.06
CA LEU A 49 -8.94 31.60 10.38
C LEU A 49 -9.31 30.13 10.45
N ALA A 50 -10.49 29.77 9.94
CA ALA A 50 -10.92 28.38 9.97
C ALA A 50 -9.96 27.49 9.18
N SER A 51 -9.35 28.02 8.12
CA SER A 51 -8.40 27.22 7.35
C SER A 51 -7.19 26.84 8.20
N VAL A 52 -6.60 27.81 8.91
CA VAL A 52 -5.44 27.50 9.74
C VAL A 52 -5.85 26.71 10.97
N LEU A 53 -7.06 26.94 11.49
CA LEU A 53 -7.57 26.07 12.55
C LEU A 53 -7.68 24.64 12.07
N GLN A 54 -8.06 24.44 10.80
CA GLN A 54 -8.09 23.10 10.23
C GLN A 54 -6.69 22.50 10.13
N GLN A 55 -5.70 23.33 9.74
CA GLN A 55 -4.33 22.85 9.67
C GLN A 55 -3.85 22.37 11.04
N GLN A 56 -4.35 22.97 12.11
CA GLN A 56 -3.98 22.58 13.47
C GLN A 56 -4.87 21.47 14.02
N GLY A 57 -5.74 20.89 13.19
CA GLY A 57 -6.59 19.80 13.61
C GLY A 57 -7.84 20.21 14.36
N LYS A 58 -8.03 21.50 14.65
CA LYS A 58 -9.20 21.98 15.37
C LYS A 58 -10.37 22.10 14.39
N LEU A 59 -10.86 20.94 13.94
CA LEU A 59 -11.85 20.91 12.87
C LEU A 59 -13.19 21.46 13.34
N GLN A 60 -13.61 21.11 14.57
CA GLN A 60 -14.90 21.58 15.06
C GLN A 60 -14.91 23.10 15.22
N GLU A 61 -13.79 23.68 15.65
CA GLU A 61 -13.70 25.13 15.73
C GLU A 61 -13.60 25.76 14.35
N ALA A 62 -13.01 25.05 13.39
CA ALA A 62 -12.94 25.56 12.03
C ALA A 62 -14.32 25.64 11.39
N LEU A 63 -15.11 24.57 11.52
CA LEU A 63 -16.47 24.58 10.99
C LEU A 63 -17.27 25.75 11.57
N MET A 64 -17.10 26.02 12.86
CA MET A 64 -17.85 27.10 13.49
C MET A 64 -17.59 28.43 12.80
N HIS A 65 -16.34 28.68 12.40
CA HIS A 65 -16.01 29.94 11.74
C HIS A 65 -16.43 29.94 10.28
N TYR A 66 -16.29 28.80 9.59
CA TYR A 66 -16.79 28.70 8.22
C TYR A 66 -18.27 29.06 8.16
N LYS A 67 -19.05 28.53 9.09
CA LYS A 67 -20.49 28.84 9.13
C LYS A 67 -20.71 30.30 9.53
N GLU A 68 -19.89 30.81 10.46
CA GLU A 68 -19.97 32.23 10.78
C GLU A 68 -19.65 33.09 9.56
N ALA A 69 -18.71 32.62 8.72
CA ALA A 69 -18.39 33.36 7.51
C ALA A 69 -19.54 33.32 6.51
N ILE A 70 -20.23 32.18 6.42
CA ILE A 70 -21.31 32.04 5.45
C ILE A 70 -22.61 32.65 5.96
N ARG A 71 -22.77 32.82 7.28
CA ARG A 71 -23.89 33.60 7.77
C ARG A 71 -23.73 35.06 7.37
N ILE A 72 -22.49 35.54 7.32
CA ILE A 72 -22.24 36.94 6.96
C ILE A 72 -22.43 37.15 5.47
N SER A 73 -21.79 36.30 4.66
CA SER A 73 -21.88 36.39 3.20
C SER A 73 -22.41 35.07 2.66
N PRO A 74 -23.72 34.96 2.41
CA PRO A 74 -24.26 33.68 1.93
C PRO A 74 -23.69 33.21 0.61
N THR A 75 -23.06 34.09 -0.17
CA THR A 75 -22.49 33.72 -1.45
C THR A 75 -20.96 33.70 -1.41
N PHE A 76 -20.39 33.44 -0.24
CA PHE A 76 -18.94 33.43 -0.07
C PHE A 76 -18.41 32.11 -0.65
N ALA A 77 -17.91 32.17 -1.88
CA ALA A 77 -17.44 30.96 -2.55
C ALA A 77 -16.26 30.34 -1.82
N ASP A 78 -15.29 31.17 -1.43
CA ASP A 78 -14.08 30.63 -0.80
C ASP A 78 -14.42 29.88 0.48
N ALA A 79 -15.42 30.34 1.23
CA ALA A 79 -15.78 29.68 2.47
C ALA A 79 -16.31 28.27 2.22
N TYR A 80 -17.23 28.14 1.25
CA TYR A 80 -17.79 26.83 0.95
C TYR A 80 -16.70 25.85 0.53
N SER A 81 -15.77 26.29 -0.32
CA SER A 81 -14.69 25.40 -0.73
C SER A 81 -13.83 24.98 0.46
N ASN A 82 -13.37 25.95 1.24
CA ASN A 82 -12.54 25.63 2.41
C ASN A 82 -13.30 24.74 3.38
N MET A 83 -14.55 25.08 3.68
CA MET A 83 -15.35 24.24 4.56
C MET A 83 -15.49 22.83 4.01
N GLY A 84 -15.62 22.71 2.68
CA GLY A 84 -15.65 21.39 2.08
C GLY A 84 -14.42 20.57 2.41
N ASN A 85 -13.25 21.20 2.44
CA ASN A 85 -12.03 20.48 2.79
C ASN A 85 -12.07 20.01 4.23
N THR A 86 -12.65 20.81 5.13
CA THR A 86 -12.76 20.40 6.52
C THR A 86 -13.76 19.26 6.69
N LEU A 87 -14.86 19.29 5.94
CA LEU A 87 -15.83 18.20 6.00
C LEU A 87 -15.26 16.91 5.42
N LYS A 88 -14.44 17.01 4.36
CA LYS A 88 -13.85 15.82 3.79
C LYS A 88 -12.85 15.18 4.76
N GLU A 89 -12.00 16.00 5.39
CA GLU A 89 -11.11 15.47 6.42
C GLU A 89 -11.90 14.83 7.55
N MET A 90 -13.11 15.32 7.79
CA MET A 90 -14.02 14.75 8.79
C MET A 90 -14.75 13.51 8.28
N GLN A 91 -14.42 13.03 7.09
CA GLN A 91 -15.01 11.82 6.49
C GLN A 91 -16.45 12.05 6.02
N ASP A 92 -16.92 13.30 6.01
CA ASP A 92 -18.27 13.60 5.53
C ASP A 92 -18.17 13.97 4.07
N VAL A 93 -18.16 12.93 3.21
CA VAL A 93 -17.94 13.15 1.79
C VAL A 93 -19.14 13.79 1.13
N GLN A 94 -20.35 13.40 1.53
CA GLN A 94 -21.53 14.05 0.98
C GLN A 94 -21.54 15.53 1.33
N GLY A 95 -21.17 15.87 2.57
CA GLY A 95 -21.11 17.26 2.96
C GLY A 95 -20.05 18.04 2.19
N ALA A 96 -18.93 17.40 1.88
CA ALA A 96 -17.89 18.06 1.10
C ALA A 96 -18.35 18.30 -0.34
N LEU A 97 -19.01 17.32 -0.94
CA LEU A 97 -19.51 17.49 -2.30
C LEU A 97 -20.50 18.64 -2.37
N GLN A 98 -21.43 18.71 -1.41
CA GLN A 98 -22.40 19.79 -1.41
C GLN A 98 -21.73 21.15 -1.25
N CYS A 99 -20.65 21.22 -0.46
CA CYS A 99 -19.91 22.47 -0.34
C CYS A 99 -19.16 22.78 -1.62
N TYR A 100 -18.48 21.79 -2.19
CA TYR A 100 -17.73 22.00 -3.43
C TYR A 100 -18.68 22.41 -4.56
N THR A 101 -19.79 21.70 -4.71
CA THR A 101 -20.73 22.02 -5.79
C THR A 101 -21.38 23.38 -5.58
N ARG A 102 -21.62 23.78 -4.33
CA ARG A 102 -22.16 25.11 -4.07
C ARG A 102 -21.14 26.20 -4.40
N ALA A 103 -19.87 25.94 -4.10
CA ALA A 103 -18.84 26.93 -4.40
C ALA A 103 -18.71 27.14 -5.90
N ILE A 104 -18.64 26.06 -6.67
CA ILE A 104 -18.54 26.17 -8.13
C ILE A 104 -19.80 26.79 -8.70
N GLN A 105 -20.94 26.65 -8.02
CA GLN A 105 -22.15 27.34 -8.43
C GLN A 105 -21.99 28.85 -8.30
N ILE A 106 -21.40 29.31 -7.19
CA ILE A 106 -21.24 30.74 -6.97
C ILE A 106 -20.18 31.31 -7.92
N ASN A 107 -19.05 30.61 -8.04
CA ASN A 107 -17.95 31.04 -8.90
C ASN A 107 -17.63 29.91 -9.87
N PRO A 108 -18.13 29.97 -11.11
CA PRO A 108 -17.86 28.89 -12.06
C PRO A 108 -16.38 28.69 -12.35
N ALA A 109 -15.55 29.72 -12.18
CA ALA A 109 -14.12 29.64 -12.47
C ALA A 109 -13.29 29.60 -11.19
N PHE A 110 -13.80 28.91 -10.16
CA PHE A 110 -13.10 28.75 -8.89
C PHE A 110 -12.15 27.57 -9.03
N ALA A 111 -10.90 27.86 -9.39
CA ALA A 111 -9.93 26.80 -9.68
C ALA A 111 -9.75 25.87 -8.49
N ASP A 112 -9.56 26.45 -7.29
CA ASP A 112 -9.37 25.60 -6.12
C ASP A 112 -10.54 24.65 -5.91
N ALA A 113 -11.76 25.14 -6.09
CA ALA A 113 -12.94 24.30 -5.86
C ALA A 113 -12.98 23.13 -6.84
N HIS A 114 -12.67 23.39 -8.12
CA HIS A 114 -12.63 22.29 -9.09
C HIS A 114 -11.58 21.26 -8.69
N SER A 115 -10.42 21.73 -8.23
CA SER A 115 -9.38 20.80 -7.81
C SER A 115 -9.81 20.01 -6.57
N ASN A 116 -10.38 20.69 -5.58
CA ASN A 116 -10.90 20.01 -4.41
C ASN A 116 -12.00 19.03 -4.78
N LEU A 117 -12.94 19.46 -5.64
CA LEU A 117 -13.95 18.54 -6.14
C LEU A 117 -13.31 17.34 -6.84
N ALA A 118 -12.25 17.59 -7.61
CA ALA A 118 -11.57 16.49 -8.29
C ALA A 118 -11.01 15.48 -7.31
N SER A 119 -10.64 15.93 -6.11
CA SER A 119 -10.08 15.01 -5.12
C SER A 119 -11.12 13.98 -4.68
N ILE A 120 -12.39 14.38 -4.54
CA ILE A 120 -13.43 13.44 -4.18
C ILE A 120 -13.58 12.36 -5.26
N HIS A 121 -13.71 12.79 -6.52
CA HIS A 121 -13.81 11.84 -7.62
C HIS A 121 -12.62 10.89 -7.63
N LYS A 122 -11.42 11.40 -7.35
CA LYS A 122 -10.24 10.54 -7.30
C LYS A 122 -10.38 9.49 -6.21
N ASP A 123 -10.66 9.93 -4.98
CA ASP A 123 -10.81 8.99 -3.87
C ASP A 123 -11.99 8.04 -4.06
N SER A 124 -12.97 8.42 -4.86
CA SER A 124 -14.15 7.58 -5.10
C SER A 124 -13.90 6.48 -6.11
N GLY A 125 -12.81 6.55 -6.87
CA GLY A 125 -12.60 5.66 -7.98
C GLY A 125 -13.11 6.18 -9.30
N ASN A 126 -13.60 7.42 -9.34
CA ASN A 126 -14.05 8.05 -10.58
C ASN A 126 -12.89 8.87 -11.17
N ILE A 127 -11.88 8.13 -11.62
CA ILE A 127 -10.67 8.77 -12.14
C ILE A 127 -10.95 9.64 -13.34
N PRO A 128 -11.74 9.21 -14.33
CA PRO A 128 -12.01 10.08 -15.49
C PRO A 128 -12.61 11.42 -15.09
N GLU A 129 -13.50 11.45 -14.10
CA GLU A 129 -14.08 12.72 -13.69
C GLU A 129 -13.07 13.56 -12.92
N ALA A 130 -12.23 12.92 -12.09
CA ALA A 130 -11.18 13.64 -11.39
C ALA A 130 -10.24 14.30 -12.39
N ILE A 131 -9.82 13.57 -13.41
CA ILE A 131 -8.97 14.15 -14.47
C ILE A 131 -9.65 15.36 -15.09
N ALA A 132 -10.94 15.23 -15.38
CA ALA A 132 -11.66 16.34 -16.02
C ALA A 132 -11.68 17.57 -15.14
N SER A 133 -11.90 17.40 -13.84
CA SER A 133 -11.97 18.54 -12.94
C SER A 133 -10.59 19.12 -12.64
N TYR A 134 -9.56 18.27 -12.56
CA TYR A 134 -8.20 18.78 -12.38
C TYR A 134 -7.74 19.56 -13.61
N ARG A 135 -8.09 19.09 -14.80
CA ARG A 135 -7.75 19.83 -16.01
C ARG A 135 -8.51 21.15 -16.10
N THR A 136 -9.75 21.18 -15.60
CA THR A 136 -10.49 22.43 -15.55
C THR A 136 -9.78 23.44 -14.64
N ALA A 137 -9.37 22.97 -13.45
CA ALA A 137 -8.65 23.85 -12.52
C ALA A 137 -7.36 24.36 -13.14
N LEU A 138 -6.60 23.48 -13.79
CA LEU A 138 -5.36 23.92 -14.44
C LEU A 138 -5.64 24.83 -15.62
N LYS A 139 -6.79 24.65 -16.29
CA LYS A 139 -7.17 25.57 -17.37
C LYS A 139 -7.47 26.96 -16.83
N LEU A 140 -8.02 27.04 -15.62
CA LEU A 140 -8.31 28.32 -14.97
C LEU A 140 -7.12 28.87 -14.21
N LYS A 141 -6.24 27.99 -13.71
CA LYS A 141 -5.06 28.41 -12.95
C LYS A 141 -3.90 27.51 -13.34
N PRO A 142 -3.26 27.79 -14.47
CA PRO A 142 -2.19 26.90 -14.95
C PRO A 142 -1.08 26.68 -13.93
N ASP A 143 -0.85 27.65 -13.03
CA ASP A 143 0.13 27.48 -11.96
C ASP A 143 -0.61 26.98 -10.72
N PHE A 144 -0.78 25.65 -10.65
CA PHE A 144 -1.55 25.02 -9.58
C PHE A 144 -0.84 23.74 -9.19
N PRO A 145 0.13 23.83 -8.27
CA PRO A 145 0.90 22.62 -7.91
C PRO A 145 0.04 21.47 -7.39
N ASP A 146 -0.94 21.75 -6.54
CA ASP A 146 -1.79 20.67 -6.02
C ASP A 146 -2.54 19.99 -7.15
N ALA A 147 -3.20 20.77 -8.02
CA ALA A 147 -3.99 20.19 -9.10
C ALA A 147 -3.12 19.45 -10.11
N TYR A 148 -1.89 19.92 -10.34
CA TYR A 148 -1.04 19.27 -11.32
C TYR A 148 -0.50 17.94 -10.81
N CYS A 149 -0.04 17.91 -9.56
CA CYS A 149 0.56 16.70 -9.02
C CYS A 149 -0.48 15.61 -8.78
N ASN A 150 -1.68 16.00 -8.35
CA ASN A 150 -2.76 15.01 -8.19
C ASN A 150 -3.27 14.55 -9.55
N LEU A 151 -3.33 15.46 -10.53
CA LEU A 151 -3.64 15.05 -11.89
C LEU A 151 -2.58 14.12 -12.44
N ALA A 152 -1.31 14.41 -12.14
CA ALA A 152 -0.23 13.53 -12.58
C ALA A 152 -0.41 12.12 -12.00
N HIS A 153 -0.90 12.02 -10.77
CA HIS A 153 -1.10 10.71 -10.16
C HIS A 153 -2.34 10.01 -10.74
N CYS A 154 -3.38 10.78 -11.05
CA CYS A 154 -4.52 10.21 -11.76
C CYS A 154 -4.07 9.55 -13.06
N LEU A 155 -3.25 10.27 -13.83
CA LEU A 155 -2.76 9.71 -15.08
C LEU A 155 -1.86 8.50 -14.83
N GLN A 156 -1.11 8.52 -13.72
CA GLN A 156 -0.33 7.34 -13.36
C GLN A 156 -1.24 6.17 -13.03
N ILE A 157 -2.37 6.43 -12.38
CA ILE A 157 -3.27 5.35 -11.97
C ILE A 157 -3.85 4.64 -13.18
N VAL A 158 -4.17 5.39 -14.23
CA VAL A 158 -4.78 4.82 -15.43
C VAL A 158 -3.74 4.53 -16.50
N CYS A 159 -2.45 4.66 -16.18
CA CYS A 159 -1.38 4.38 -17.13
C CYS A 159 -1.52 5.23 -18.40
N ASP A 160 -1.92 6.49 -18.23
CA ASP A 160 -1.94 7.46 -19.32
C ASP A 160 -0.57 8.11 -19.40
N TRP A 161 0.27 7.62 -20.30
CA TRP A 161 1.64 8.14 -20.46
C TRP A 161 1.69 9.17 -21.58
N THR A 162 0.83 10.17 -21.43
CA THR A 162 0.69 11.26 -22.40
C THR A 162 1.65 12.37 -22.00
N ASP A 163 2.66 12.61 -22.84
CA ASP A 163 3.68 13.62 -22.54
C ASP A 163 4.34 13.31 -21.20
N TYR A 164 4.73 12.04 -21.04
CA TYR A 164 5.19 11.57 -19.74
C TYR A 164 6.47 12.28 -19.31
N ASP A 165 7.47 12.30 -20.19
CA ASP A 165 8.75 12.92 -19.84
C ASP A 165 8.55 14.37 -19.41
N GLU A 166 7.85 15.16 -20.22
CA GLU A 166 7.58 16.55 -19.86
C GLU A 166 6.81 16.63 -18.55
N ARG A 167 5.83 15.74 -18.36
CA ARG A 167 5.09 15.72 -17.11
C ARG A 167 6.01 15.48 -15.93
N MET A 168 6.96 14.55 -16.07
CA MET A 168 7.92 14.30 -14.99
C MET A 168 8.80 15.52 -14.76
N LYS A 169 9.26 16.17 -15.84
CA LYS A 169 10.06 17.38 -15.69
C LYS A 169 9.36 18.40 -14.81
N LYS A 170 8.08 18.67 -15.11
CA LYS A 170 7.35 19.70 -14.38
C LYS A 170 7.11 19.29 -12.93
N LEU A 171 6.87 17.99 -12.69
CA LEU A 171 6.72 17.51 -11.32
C LEU A 171 8.00 17.78 -10.52
N VAL A 172 9.14 17.33 -11.04
CA VAL A 172 10.40 17.57 -10.33
C VAL A 172 10.64 19.07 -10.18
N SER A 173 10.25 19.86 -11.19
CA SER A 173 10.43 21.30 -11.10
C SER A 173 9.55 21.90 -10.01
N ILE A 174 8.34 21.34 -9.83
CA ILE A 174 7.42 21.88 -8.82
C ILE A 174 7.91 21.55 -7.42
N VAL A 175 8.42 20.33 -7.21
CA VAL A 175 8.89 19.94 -5.89
C VAL A 175 10.13 20.74 -5.50
N ALA A 176 11.08 20.90 -6.43
CA ALA A 176 12.28 21.67 -6.13
C ALA A 176 11.92 23.10 -5.75
N ASP A 177 10.96 23.70 -6.44
CA ASP A 177 10.54 25.06 -6.08
C ASP A 177 9.85 25.07 -4.73
N GLN A 178 9.03 24.06 -4.44
CA GLN A 178 8.35 24.01 -3.15
C GLN A 178 9.33 23.75 -2.01
N LEU A 179 10.30 22.87 -2.23
CA LEU A 179 11.31 22.62 -1.21
C LEU A 179 12.20 23.83 -1.01
N GLU A 180 12.45 24.60 -2.07
CA GLU A 180 13.27 25.80 -1.94
C GLU A 180 12.53 26.89 -1.17
N LYS A 181 11.22 27.00 -1.36
CA LYS A 181 10.42 28.02 -0.69
C LYS A 181 9.81 27.54 0.62
N ASN A 182 10.27 26.39 1.13
CA ASN A 182 9.79 25.86 2.41
C ASN A 182 8.27 25.78 2.46
N ARG A 183 7.67 25.36 1.34
CA ARG A 183 6.25 25.04 1.28
C ARG A 183 6.09 23.53 1.27
N LEU A 184 4.94 23.06 1.75
CA LEU A 184 4.66 21.64 1.73
C LEU A 184 4.57 21.15 0.28
N PRO A 185 5.32 20.13 -0.12
CA PRO A 185 5.26 19.67 -1.49
C PRO A 185 3.90 19.08 -1.82
N SER A 186 3.52 19.21 -3.10
CA SER A 186 2.25 18.71 -3.60
C SER A 186 2.32 17.24 -3.99
N VAL A 187 3.50 16.62 -3.96
CA VAL A 187 3.65 15.19 -4.23
C VAL A 187 3.61 14.45 -2.91
N HIS A 188 2.74 13.45 -2.81
CA HIS A 188 2.63 12.68 -1.58
C HIS A 188 3.87 11.80 -1.40
N PRO A 189 4.30 11.60 -0.15
CA PRO A 189 5.48 10.73 0.07
C PRO A 189 5.28 9.32 -0.49
N HIS A 190 4.09 8.75 -0.33
CA HIS A 190 3.83 7.42 -0.88
C HIS A 190 3.94 7.40 -2.39
N HIS A 191 3.58 8.51 -3.05
CA HIS A 191 3.63 8.57 -4.50
C HIS A 191 5.00 8.99 -5.03
N SER A 192 5.85 9.59 -4.18
CA SER A 192 7.14 10.06 -4.64
C SER A 192 7.98 8.94 -5.23
N MET A 193 7.80 7.72 -4.73
CA MET A 193 8.55 6.58 -5.25
C MET A 193 8.31 6.35 -6.74
N LEU A 194 7.23 6.90 -7.28
CA LEU A 194 6.83 6.65 -8.66
C LEU A 194 7.43 7.64 -9.66
N TYR A 195 8.02 8.74 -9.18
CA TYR A 195 8.51 9.79 -10.04
C TYR A 195 10.02 9.90 -9.98
N PRO A 196 10.67 10.38 -11.06
CA PRO A 196 12.14 10.49 -11.06
C PRO A 196 12.65 11.63 -10.17
N LEU A 197 12.34 11.57 -8.89
CA LEU A 197 12.86 12.52 -7.92
C LEU A 197 14.16 12.02 -7.31
N SER A 198 15.03 12.95 -6.94
CA SER A 198 16.24 12.57 -6.24
C SER A 198 15.90 11.99 -4.88
N HIS A 199 16.79 11.12 -4.37
CA HIS A 199 16.58 10.58 -3.04
C HIS A 199 16.52 11.69 -2.00
N GLY A 200 17.25 12.78 -2.21
CA GLY A 200 17.13 13.93 -1.32
C GLY A 200 15.74 14.54 -1.35
N PHE A 201 15.16 14.67 -2.55
CA PHE A 201 13.81 15.22 -2.67
C PHE A 201 12.78 14.30 -2.02
N ARG A 202 12.96 12.99 -2.14
CA ARG A 202 11.99 12.06 -1.56
C ARG A 202 12.02 12.14 -0.04
N LYS A 203 13.21 12.11 0.57
CA LYS A 203 13.31 12.25 2.01
C LYS A 203 12.81 13.62 2.47
N ALA A 204 13.17 14.67 1.73
CA ALA A 204 12.67 16.01 2.06
C ALA A 204 11.15 16.07 1.99
N ILE A 205 10.57 15.43 0.96
CA ILE A 205 9.11 15.36 0.87
C ILE A 205 8.54 14.69 2.11
N ALA A 206 9.14 13.56 2.51
CA ALA A 206 8.69 12.89 3.72
C ALA A 206 8.92 13.76 4.95
N GLU A 207 10.12 14.34 5.08
CA GLU A 207 10.43 15.12 6.26
C GLU A 207 9.40 16.21 6.51
N ARG A 208 8.89 16.84 5.45
CA ARG A 208 7.95 17.93 5.63
C ARG A 208 6.55 17.44 5.90
N HIS A 209 6.18 16.26 5.41
CA HIS A 209 4.90 15.68 5.80
C HIS A 209 4.93 15.16 7.24
N GLY A 210 6.10 14.73 7.72
CA GLY A 210 6.24 14.38 9.11
C GLY A 210 6.15 15.57 10.04
N ASN A 211 6.60 16.74 9.57
CA ASN A 211 6.50 17.95 10.37
C ASN A 211 5.06 18.45 10.49
N LEU A 212 4.18 18.10 9.55
CA LEU A 212 2.78 18.49 9.67
C LEU A 212 2.19 17.99 10.97
N CYS A 213 2.60 16.80 11.41
CA CYS A 213 2.08 16.26 12.65
C CYS A 213 2.33 17.20 13.82
N LEU A 214 3.43 17.93 13.80
CA LEU A 214 3.73 18.84 14.91
C LEU A 214 2.71 19.95 15.01
N ASP A 215 2.28 20.49 13.85
CA ASP A 215 1.26 21.53 13.87
C ASP A 215 0.02 21.07 14.62
N LYS A 216 -0.31 19.77 14.53
CA LYS A 216 -1.49 19.24 15.19
C LYS A 216 -1.23 18.87 16.65
N ILE A 217 0.03 18.68 17.04
CA ILE A 217 0.35 18.32 18.42
C ILE A 217 0.89 19.50 19.21
N ASN A 218 1.36 20.57 18.55
CA ASN A 218 1.86 21.72 19.30
C ASN A 218 0.73 22.44 20.03
N VAL A 219 -0.46 22.50 19.41
CA VAL A 219 -1.61 23.09 20.08
C VAL A 219 -2.08 22.25 21.26
N LEU A 220 -1.53 21.05 21.42
CA LEU A 220 -1.80 20.22 22.59
C LEU A 220 -0.95 20.61 23.80
N HIS A 221 0.21 21.22 23.58
CA HIS A 221 1.07 21.68 24.66
C HIS A 221 1.37 20.56 25.65
N LYS A 222 1.68 19.37 25.12
CA LYS A 222 2.00 18.26 26.00
C LYS A 222 3.51 18.22 26.27
N PRO A 223 3.90 17.93 27.51
CA PRO A 223 5.34 17.83 27.81
C PRO A 223 5.88 16.50 27.36
N PRO A 224 7.20 16.39 27.18
CA PRO A 224 7.79 15.09 26.83
C PRO A 224 7.51 14.04 27.89
N TYR A 225 7.42 12.79 27.46
CA TYR A 225 7.13 11.67 28.34
C TYR A 225 8.41 11.15 28.99
N GLU A 226 8.26 10.60 30.20
CA GLU A 226 9.35 9.91 30.88
C GLU A 226 9.28 8.43 30.52
N HIS A 227 10.37 7.90 29.95
CA HIS A 227 10.30 6.54 29.45
C HIS A 227 10.94 5.56 30.41
N PRO A 228 10.48 4.31 30.41
CA PRO A 228 11.13 3.30 31.24
C PRO A 228 12.59 3.11 30.84
N LYS A 229 13.43 2.85 31.84
CA LYS A 229 14.84 2.58 31.61
C LYS A 229 15.24 1.17 32.01
N ASP A 230 14.27 0.32 32.33
CA ASP A 230 14.51 -1.10 32.61
C ASP A 230 13.20 -1.85 32.44
N LEU A 231 13.27 -3.17 32.59
CA LEU A 231 12.11 -4.04 32.40
C LEU A 231 11.53 -4.52 33.72
N LYS A 232 11.86 -3.87 34.83
CA LYS A 232 11.40 -4.33 36.13
C LYS A 232 9.88 -4.19 36.28
N LEU A 233 9.32 -3.09 35.76
CA LEU A 233 7.89 -2.89 35.91
C LEU A 233 7.09 -3.90 35.10
N SER A 234 7.67 -4.45 34.04
CA SER A 234 7.01 -5.43 33.19
C SER A 234 7.54 -6.84 33.41
N ASP A 235 8.04 -7.11 34.62
CA ASP A 235 8.50 -8.44 34.99
C ASP A 235 9.54 -8.97 34.01
N GLY A 236 10.49 -8.11 33.64
CA GLY A 236 11.54 -8.47 32.73
C GLY A 236 11.10 -8.70 31.30
N ARG A 237 9.87 -8.33 30.95
CA ARG A 237 9.36 -8.50 29.61
C ARG A 237 9.44 -7.19 28.84
N LEU A 238 9.81 -7.27 27.56
CA LEU A 238 9.83 -6.11 26.69
C LEU A 238 8.43 -5.88 26.14
N ARG A 239 7.88 -4.69 26.39
CA ARG A 239 6.54 -4.35 25.95
C ARG A 239 6.61 -3.71 24.56
N VAL A 240 6.05 -4.40 23.57
CA VAL A 240 6.09 -3.97 22.18
C VAL A 240 4.68 -3.56 21.75
N GLY A 241 4.57 -2.35 21.23
CA GLY A 241 3.30 -1.85 20.75
C GLY A 241 3.24 -1.78 19.23
N TYR A 242 2.24 -2.44 18.64
CA TYR A 242 2.01 -2.42 17.21
C TYR A 242 0.84 -1.48 16.92
N VAL A 243 1.13 -0.38 16.26
CA VAL A 243 0.12 0.61 15.89
C VAL A 243 -0.20 0.44 14.42
N SER A 244 -1.48 0.30 14.09
CA SER A 244 -1.88 0.10 12.71
C SER A 244 -3.37 0.35 12.57
N SER A 245 -3.74 1.10 11.53
CA SER A 245 -5.14 1.24 11.14
C SER A 245 -5.62 0.07 10.29
N ASP A 246 -4.85 -1.01 10.22
CA ASP A 246 -5.12 -2.09 9.28
C ASP A 246 -5.21 -3.44 9.98
N PHE A 247 -5.74 -3.47 11.20
CA PHE A 247 -6.00 -4.73 11.90
C PHE A 247 -7.36 -5.24 11.45
N GLY A 248 -7.36 -5.94 10.31
CA GLY A 248 -8.60 -6.41 9.72
C GLY A 248 -8.35 -6.96 8.34
N ASN A 249 -9.32 -6.77 7.46
CA ASN A 249 -9.21 -7.23 6.06
C ASN A 249 -8.40 -6.18 5.29
N HIS A 250 -7.09 -6.26 5.45
CA HIS A 250 -6.13 -5.35 4.80
C HIS A 250 -4.87 -6.14 4.52
N PRO A 251 -4.13 -5.80 3.45
CA PRO A 251 -2.91 -6.56 3.14
C PRO A 251 -1.97 -6.74 4.32
N THR A 252 -1.85 -5.72 5.18
CA THR A 252 -0.90 -5.81 6.29
C THR A 252 -1.25 -6.96 7.23
N SER A 253 -2.53 -7.11 7.56
CA SER A 253 -2.96 -8.26 8.37
C SER A 253 -2.67 -9.57 7.66
N HIS A 254 -2.87 -9.60 6.33
CA HIS A 254 -2.55 -10.78 5.54
C HIS A 254 -1.08 -11.14 5.61
N LEU A 255 -0.23 -10.25 6.13
CA LEU A 255 1.20 -10.49 6.22
C LEU A 255 1.66 -10.88 7.61
N MET A 256 1.13 -10.23 8.66
CA MET A 256 1.70 -10.37 10.00
C MET A 256 0.65 -10.70 11.06
N GLN A 257 -0.53 -11.19 10.67
CA GLN A 257 -1.57 -11.45 11.65
C GLN A 257 -1.16 -12.55 12.63
N SER A 258 -0.24 -13.43 12.25
CA SER A 258 0.23 -14.47 13.14
C SER A 258 1.33 -14.01 14.09
N ILE A 259 2.05 -12.96 13.73
CA ILE A 259 3.21 -12.55 14.52
C ILE A 259 2.86 -12.26 15.98
N PRO A 260 1.81 -11.48 16.27
CA PRO A 260 1.51 -11.21 17.69
C PRO A 260 1.34 -12.46 18.54
N GLY A 261 0.51 -13.41 18.08
CA GLY A 261 0.32 -14.64 18.82
C GLY A 261 1.55 -15.52 18.90
N MET A 262 2.53 -15.30 18.03
CA MET A 262 3.73 -16.10 18.00
C MET A 262 4.87 -15.51 18.83
N HIS A 263 4.67 -14.34 19.42
CA HIS A 263 5.70 -13.76 20.27
C HIS A 263 5.89 -14.60 21.52
N ASN A 264 7.13 -14.69 21.97
CA ASN A 264 7.45 -15.44 23.18
C ASN A 264 6.90 -14.70 24.40
N PRO A 265 5.92 -15.25 25.11
CA PRO A 265 5.36 -14.54 26.28
C PRO A 265 6.32 -14.45 27.45
N ASP A 266 7.41 -15.22 27.44
CA ASP A 266 8.37 -15.14 28.54
C ASP A 266 9.19 -13.85 28.48
N LYS A 267 9.44 -13.33 27.28
CA LYS A 267 10.27 -12.15 27.11
C LYS A 267 9.52 -10.94 26.56
N PHE A 268 8.34 -11.12 26.01
CA PHE A 268 7.64 -10.03 25.33
C PHE A 268 6.17 -10.00 25.73
N GLU A 269 5.66 -8.78 25.92
CA GLU A 269 4.24 -8.53 26.15
C GLU A 269 3.74 -7.66 25.02
N VAL A 270 2.87 -8.22 24.18
CA VAL A 270 2.49 -7.59 22.92
C VAL A 270 1.25 -6.73 23.14
N PHE A 271 1.32 -5.48 22.68
CA PHE A 271 0.20 -4.56 22.67
C PHE A 271 -0.13 -4.20 21.23
N CYS A 272 -1.39 -4.34 20.85
CA CYS A 272 -1.86 -3.99 19.51
C CYS A 272 -2.79 -2.80 19.63
N TYR A 273 -2.45 -1.71 18.94
CA TYR A 273 -3.21 -0.46 18.99
C TYR A 273 -3.88 -0.25 17.63
N ALA A 274 -5.18 -0.54 17.57
CA ALA A 274 -5.93 -0.35 16.35
C ALA A 274 -6.32 1.12 16.20
N LEU A 275 -6.03 1.68 15.03
CA LEU A 275 -6.50 3.02 14.67
C LEU A 275 -7.81 2.98 13.91
N SER A 276 -8.40 1.79 13.73
CA SER A 276 -9.63 1.57 12.99
C SER A 276 -10.59 0.74 13.82
N PRO A 277 -11.89 0.95 13.65
CA PRO A 277 -12.87 0.13 14.37
C PRO A 277 -12.89 -1.30 13.85
N ASP A 278 -13.58 -2.16 14.59
CA ASP A 278 -13.71 -3.56 14.23
C ASP A 278 -14.55 -3.69 12.96
N ASP A 279 -13.99 -4.31 11.93
CA ASP A 279 -14.70 -4.52 10.67
C ASP A 279 -15.40 -5.89 10.60
N GLY A 280 -15.34 -6.68 11.66
CA GLY A 280 -16.07 -7.92 11.75
C GLY A 280 -15.40 -9.12 11.11
N THR A 281 -14.17 -8.97 10.61
CA THR A 281 -13.48 -10.06 9.94
C THR A 281 -12.66 -10.86 10.94
N ASN A 282 -12.30 -12.09 10.53
CA ASN A 282 -11.51 -12.96 11.38
C ASN A 282 -10.10 -12.41 11.58
N PHE A 283 -9.57 -11.67 10.60
CA PHE A 283 -8.27 -11.04 10.79
C PHE A 283 -8.26 -10.20 12.06
N ARG A 284 -9.23 -9.29 12.18
CA ARG A 284 -9.38 -8.53 13.40
C ARG A 284 -9.60 -9.44 14.61
N VAL A 285 -10.47 -10.44 14.45
CA VAL A 285 -10.74 -11.38 15.53
C VAL A 285 -9.45 -12.04 16.00
N LYS A 286 -8.62 -12.49 15.06
CA LYS A 286 -7.40 -13.20 15.42
C LYS A 286 -6.45 -12.32 16.22
N VAL A 287 -6.20 -11.10 15.73
CA VAL A 287 -5.25 -10.23 16.40
C VAL A 287 -5.75 -9.83 17.79
N MET A 288 -7.05 -9.57 17.92
CA MET A 288 -7.58 -9.17 19.22
C MET A 288 -7.45 -10.29 20.24
N ALA A 289 -7.51 -11.55 19.81
CA ALA A 289 -7.47 -12.66 20.73
C ALA A 289 -6.06 -13.13 21.04
N GLU A 290 -5.16 -13.09 20.05
CA GLU A 290 -3.80 -13.58 20.23
C GLU A 290 -2.85 -12.55 20.84
N ALA A 291 -3.18 -11.26 20.76
CA ALA A 291 -2.38 -10.26 21.42
C ALA A 291 -2.65 -10.26 22.92
N ASN A 292 -1.62 -9.98 23.70
CA ASN A 292 -1.79 -9.88 25.14
C ASN A 292 -2.79 -8.77 25.51
N HIS A 293 -2.73 -7.65 24.77
CA HIS A 293 -3.64 -6.53 24.99
C HIS A 293 -4.02 -5.93 23.64
N PHE A 294 -5.30 -5.64 23.48
CA PHE A 294 -5.80 -5.00 22.26
C PHE A 294 -6.51 -3.72 22.64
N ILE A 295 -6.01 -2.59 22.13
CA ILE A 295 -6.52 -1.27 22.44
C ILE A 295 -7.05 -0.65 21.16
N ASP A 296 -8.36 -0.38 21.12
CA ASP A 296 -9.01 0.23 19.96
C ASP A 296 -8.91 1.74 20.09
N LEU A 297 -7.83 2.30 19.52
CA LEU A 297 -7.62 3.75 19.60
C LEU A 297 -8.59 4.54 18.73
N SER A 298 -9.31 3.89 17.82
CA SER A 298 -10.33 4.60 17.06
C SER A 298 -11.38 5.21 17.99
N GLN A 299 -11.56 4.64 19.17
CA GLN A 299 -12.46 5.21 20.18
C GLN A 299 -11.87 6.42 20.88
N ILE A 300 -10.57 6.66 20.73
CA ILE A 300 -9.90 7.79 21.37
C ILE A 300 -9.39 8.73 20.28
N PRO A 301 -10.25 9.58 19.72
CA PRO A 301 -9.82 10.41 18.59
C PRO A 301 -8.68 11.37 18.93
N CYS A 302 -8.63 11.88 20.15
CA CYS A 302 -7.61 12.86 20.50
C CYS A 302 -6.25 12.19 20.62
N ASN A 303 -5.26 12.72 19.88
CA ASN A 303 -3.92 12.14 19.91
C ASN A 303 -3.27 12.31 21.27
N GLY A 304 -3.59 13.40 21.99
CA GLY A 304 -3.02 13.58 23.31
C GLY A 304 -3.42 12.48 24.27
N LYS A 305 -4.73 12.25 24.40
CA LYS A 305 -5.21 11.15 25.24
C LYS A 305 -4.71 9.80 24.71
N ALA A 306 -4.82 9.60 23.39
CA ALA A 306 -4.37 8.34 22.81
C ALA A 306 -2.89 8.11 23.04
N ALA A 307 -2.08 9.17 22.94
CA ALA A 307 -0.67 9.04 23.24
C ALA A 307 -0.45 8.72 24.72
N ASP A 308 -1.27 9.29 25.59
CA ASP A 308 -1.16 9.01 27.01
C ASP A 308 -1.35 7.52 27.29
N ARG A 309 -2.41 6.93 26.73
CA ARG A 309 -2.67 5.50 26.94
C ARG A 309 -1.46 4.66 26.54
N ILE A 310 -0.85 4.96 25.40
CA ILE A 310 0.32 4.21 24.95
C ILE A 310 1.44 4.31 25.99
N HIS A 311 1.73 5.53 26.45
CA HIS A 311 2.77 5.71 27.47
C HIS A 311 2.36 5.08 28.79
N GLN A 312 1.06 5.13 29.13
CA GLN A 312 0.58 4.58 30.38
C GLN A 312 0.47 3.07 30.36
N ASP A 313 0.70 2.43 29.21
CA ASP A 313 0.83 0.99 29.14
C ASP A 313 2.28 0.53 29.32
N GLY A 314 3.21 1.46 29.43
CA GLY A 314 4.61 1.12 29.61
C GLY A 314 5.29 0.55 28.39
N ILE A 315 4.94 1.03 27.20
CA ILE A 315 5.51 0.50 25.96
C ILE A 315 6.98 0.87 25.89
N HIS A 316 7.81 -0.12 25.55
CA HIS A 316 9.24 0.09 25.32
C HIS A 316 9.57 0.30 23.85
N ILE A 317 8.96 -0.47 22.95
CA ILE A 317 9.17 -0.33 21.51
C ILE A 317 7.81 -0.10 20.88
N LEU A 318 7.63 1.06 20.25
CA LEU A 318 6.42 1.38 19.52
C LEU A 318 6.71 1.22 18.03
N VAL A 319 5.88 0.44 17.35
CA VAL A 319 6.09 0.08 15.95
C VAL A 319 5.08 0.80 15.09
N ASN A 320 5.56 1.60 14.15
CA ASN A 320 4.71 2.30 13.19
C ASN A 320 4.52 1.43 11.96
N MET A 321 3.27 1.02 11.71
CA MET A 321 2.94 0.11 10.62
C MET A 321 2.15 0.78 9.50
N ASN A 322 1.99 2.10 9.55
CA ASN A 322 1.23 2.84 8.55
C ASN A 322 2.08 3.79 7.72
N GLY A 323 3.04 4.46 8.33
CA GLY A 323 3.77 5.49 7.61
C GLY A 323 2.79 6.54 7.11
N TYR A 324 2.91 6.93 5.85
CA TYR A 324 2.01 7.89 5.24
C TYR A 324 1.02 7.18 4.32
N THR A 325 0.19 6.36 4.95
CA THR A 325 -0.89 5.65 4.28
C THR A 325 -2.21 5.99 4.96
N LYS A 326 -3.30 5.59 4.32
CA LYS A 326 -4.62 5.92 4.86
C LYS A 326 -4.80 5.31 6.24
N GLY A 327 -5.42 6.07 7.14
CA GLY A 327 -5.65 5.63 8.49
C GLY A 327 -4.53 5.91 9.47
N ALA A 328 -3.42 6.47 9.00
CA ALA A 328 -2.28 6.71 9.88
C ALA A 328 -2.57 7.83 10.86
N ARG A 329 -2.14 7.65 12.10
CA ARG A 329 -2.20 8.69 13.11
C ARG A 329 -0.80 8.96 13.66
N ASN A 330 0.10 9.41 12.78
CA ASN A 330 1.50 9.59 13.15
C ASN A 330 1.69 10.60 14.26
N GLU A 331 0.70 11.47 14.49
CA GLU A 331 0.78 12.40 15.62
C GLU A 331 1.08 11.66 16.92
N LEU A 332 0.61 10.41 17.03
CA LEU A 332 0.89 9.61 18.22
C LEU A 332 2.39 9.40 18.39
N PHE A 333 3.11 9.24 17.28
CA PHE A 333 4.56 9.05 17.35
C PHE A 333 5.30 10.37 17.52
N ALA A 334 4.75 11.47 16.99
CA ALA A 334 5.38 12.77 17.18
C ALA A 334 5.45 13.12 18.66
N LEU A 335 4.53 12.59 19.47
CA LEU A 335 4.54 12.83 20.91
C LEU A 335 5.52 11.92 21.64
N ARG A 336 6.05 10.90 20.97
CA ARG A 336 7.04 9.99 21.54
C ARG A 336 6.59 9.45 22.89
N PRO A 337 5.51 8.65 22.94
CA PRO A 337 5.13 7.99 24.19
C PRO A 337 6.00 6.78 24.53
N ALA A 338 6.84 6.33 23.59
CA ALA A 338 7.71 5.20 23.81
C ALA A 338 9.16 5.59 23.57
N PRO A 339 10.10 5.01 24.32
CA PRO A 339 11.51 5.40 24.16
C PRO A 339 12.10 4.99 22.82
N ILE A 340 11.56 3.94 22.20
CA ILE A 340 12.04 3.44 20.93
C ILE A 340 10.86 3.28 19.99
N GLN A 341 10.94 3.90 18.82
CA GLN A 341 9.87 3.86 17.84
C GLN A 341 10.47 3.48 16.49
N ALA A 342 9.88 2.47 15.85
CA ALA A 342 10.44 1.88 14.64
C ALA A 342 9.38 1.72 13.56
N MET A 343 9.79 1.94 12.31
CA MET A 343 8.96 1.65 11.16
C MET A 343 9.12 0.18 10.77
N TRP A 344 8.02 -0.44 10.32
CA TRP A 344 8.08 -1.88 10.04
C TRP A 344 6.92 -2.28 9.13
N LEU A 345 7.27 -2.82 7.96
CA LEU A 345 6.34 -3.58 7.13
C LEU A 345 5.30 -2.73 6.41
N GLY A 346 4.61 -1.86 7.14
CA GLY A 346 3.46 -1.17 6.58
C GLY A 346 3.82 -0.20 5.45
N TYR A 347 4.86 0.60 5.65
CA TYR A 347 5.19 1.67 4.73
C TYR A 347 6.52 1.39 4.04
N PRO A 348 6.56 1.39 2.66
CA PRO A 348 7.81 1.13 1.92
C PRO A 348 8.60 2.40 1.64
N GLY A 349 9.19 2.95 2.69
CA GLY A 349 10.01 4.15 2.54
C GLY A 349 10.32 4.76 3.87
N THR A 350 11.10 5.84 3.81
CA THR A 350 11.49 6.55 5.01
C THR A 350 10.36 7.45 5.50
N SER A 351 10.25 7.58 6.82
CA SER A 351 9.33 8.57 7.38
C SER A 351 9.85 9.98 7.17
N GLY A 352 11.17 10.15 7.10
CA GLY A 352 11.75 11.45 6.91
C GLY A 352 11.58 12.32 8.13
N ALA A 353 11.13 11.71 9.22
CA ALA A 353 10.74 12.43 10.41
C ALA A 353 11.71 12.12 11.54
N LEU A 354 11.65 12.97 12.56
CA LEU A 354 12.62 12.88 13.65
C LEU A 354 12.25 11.79 14.64
N PHE A 355 10.96 11.62 14.90
CA PHE A 355 10.54 10.78 16.01
C PHE A 355 10.81 9.30 15.76
N MET A 356 10.86 8.88 14.50
CA MET A 356 11.06 7.47 14.16
C MET A 356 12.53 7.13 14.33
N ASP A 357 12.84 6.27 15.29
CA ASP A 357 14.24 5.95 15.57
C ASP A 357 14.83 4.98 14.57
N TYR A 358 14.07 3.94 14.21
CA TYR A 358 14.56 2.90 13.32
C TYR A 358 13.56 2.65 12.20
N ILE A 359 14.03 1.96 11.16
CA ILE A 359 13.18 1.39 10.14
C ILE A 359 13.65 -0.05 9.93
N ILE A 360 12.73 -1.00 10.10
CA ILE A 360 13.08 -2.41 10.05
C ILE A 360 13.14 -2.85 8.59
N THR A 361 14.33 -3.19 8.12
CA THR A 361 14.57 -3.56 6.72
C THR A 361 15.56 -4.71 6.65
N ASP A 362 16.37 -4.76 5.59
CA ASP A 362 17.38 -5.80 5.45
C ASP A 362 18.47 -5.31 4.50
N GLN A 363 19.56 -6.08 4.45
CA GLN A 363 20.72 -5.67 3.65
C GLN A 363 20.38 -5.55 2.18
N GLU A 364 19.51 -6.44 1.67
CA GLU A 364 19.16 -6.39 0.26
C GLU A 364 18.24 -5.21 -0.03
N THR A 365 17.21 -5.02 0.79
CA THR A 365 16.26 -3.93 0.56
C THR A 365 16.94 -2.57 0.75
N SER A 366 17.73 -2.42 1.80
CA SER A 366 18.35 -1.14 2.15
C SER A 366 19.83 -1.36 2.45
N PRO A 367 20.66 -1.55 1.42
CA PRO A 367 22.11 -1.67 1.65
C PRO A 367 22.65 -0.42 2.32
N ALA A 368 23.76 -0.59 3.03
CA ALA A 368 24.27 0.49 3.87
C ALA A 368 24.65 1.72 3.05
N GLU A 369 25.08 1.53 1.80
CA GLU A 369 25.54 2.66 1.00
C GLU A 369 24.44 3.68 0.73
N VAL A 370 23.18 3.31 0.94
CA VAL A 370 22.06 4.22 0.67
C VAL A 370 21.45 4.67 2.00
N ALA A 371 22.27 4.73 3.05
CA ALA A 371 21.78 5.21 4.34
C ALA A 371 21.28 6.64 4.24
N GLU A 372 21.78 7.41 3.27
CA GLU A 372 21.35 8.79 3.11
C GLU A 372 19.89 8.90 2.71
N GLN A 373 19.30 7.83 2.17
CA GLN A 373 17.92 7.89 1.71
C GLN A 373 16.92 7.92 2.87
N TYR A 374 17.35 7.56 4.07
CA TYR A 374 16.44 7.40 5.20
C TYR A 374 16.84 8.33 6.33
N SER A 375 15.83 8.89 7.01
CA SER A 375 16.09 9.66 8.22
C SER A 375 16.36 8.74 9.41
N GLU A 376 15.72 7.58 9.46
CA GLU A 376 15.90 6.65 10.55
C GLU A 376 17.22 5.89 10.41
N LYS A 377 17.57 5.16 11.46
CA LYS A 377 18.71 4.25 11.42
C LYS A 377 18.26 2.90 10.89
N LEU A 378 19.14 2.24 10.14
CA LEU A 378 18.80 0.96 9.54
C LEU A 378 18.88 -0.14 10.59
N ALA A 379 17.80 -0.91 10.71
CA ALA A 379 17.74 -2.07 11.60
C ALA A 379 17.50 -3.30 10.73
N TYR A 380 18.55 -4.10 10.54
CA TYR A 380 18.51 -5.20 9.58
C TYR A 380 17.87 -6.43 10.20
N MET A 381 16.96 -7.05 9.45
CA MET A 381 16.52 -8.39 9.75
C MET A 381 17.52 -9.40 9.18
N PRO A 382 17.50 -10.64 9.69
CA PRO A 382 18.52 -11.61 9.24
C PRO A 382 18.48 -11.90 7.75
N HIS A 383 17.30 -12.12 7.19
CA HIS A 383 17.21 -12.47 5.77
C HIS A 383 16.44 -11.39 5.00
N THR A 384 15.14 -11.35 5.16
CA THR A 384 14.30 -10.31 4.56
C THR A 384 13.35 -9.78 5.61
N PHE A 385 13.12 -8.46 5.56
CA PHE A 385 12.18 -7.85 6.49
C PHE A 385 10.74 -8.22 6.15
N PHE A 386 10.47 -8.54 4.90
CA PHE A 386 9.11 -8.85 4.48
C PHE A 386 8.69 -10.21 5.02
N ILE A 387 7.38 -10.43 5.07
CA ILE A 387 6.81 -11.66 5.61
C ILE A 387 5.36 -11.75 5.17
N GLY A 388 4.85 -12.97 5.10
CA GLY A 388 3.45 -13.18 4.76
C GLY A 388 2.89 -14.36 5.53
N ASP A 389 1.59 -14.29 5.80
CA ASP A 389 0.88 -15.35 6.51
C ASP A 389 0.33 -16.41 5.57
N HIS A 390 0.98 -16.62 4.42
CA HIS A 390 0.44 -17.52 3.41
C HIS A 390 0.38 -18.96 3.92
N ALA A 391 1.37 -19.39 4.70
CA ALA A 391 1.39 -20.76 5.19
C ALA A 391 0.20 -21.06 6.09
N ASN A 392 -0.25 -20.04 6.84
CA ASN A 392 -1.42 -20.16 7.70
C ASN A 392 -2.72 -19.87 6.98
N MET A 393 -2.72 -18.98 5.99
CA MET A 393 -3.97 -18.58 5.35
C MET A 393 -4.35 -19.50 4.20
N PHE A 394 -3.38 -19.94 3.41
CA PHE A 394 -3.64 -20.73 2.20
C PHE A 394 -2.86 -22.04 2.23
N PRO A 395 -3.07 -22.87 3.26
CA PRO A 395 -2.35 -24.14 3.32
C PRO A 395 -2.75 -25.10 2.21
N HIS A 396 -3.97 -24.99 1.69
CA HIS A 396 -4.40 -25.87 0.61
C HIS A 396 -3.53 -25.72 -0.64
N LEU A 397 -2.76 -24.64 -0.73
CA LEU A 397 -1.86 -24.42 -1.85
C LEU A 397 -0.48 -25.01 -1.62
N LYS A 398 -0.26 -25.69 -0.50
CA LYS A 398 1.04 -26.32 -0.27
C LYS A 398 1.30 -27.46 -1.24
N LYS A 399 0.25 -28.17 -1.64
CA LYS A 399 0.34 -29.22 -2.64
C LYS A 399 -0.66 -28.94 -3.76
N LYS A 400 -0.41 -29.53 -4.91
CA LYS A 400 -1.30 -29.36 -6.05
C LYS A 400 -1.31 -30.65 -6.87
N ALA A 401 -2.32 -30.74 -7.75
CA ALA A 401 -2.42 -31.82 -8.72
C ALA A 401 -2.93 -31.23 -10.02
N VAL A 402 -2.58 -31.87 -11.13
CA VAL A 402 -2.94 -31.38 -12.45
C VAL A 402 -3.69 -32.48 -13.20
N ILE A 403 -4.29 -32.08 -14.32
CA ILE A 403 -5.05 -32.99 -15.18
C ILE A 403 -4.35 -33.05 -16.53
N ASP A 404 -3.86 -34.23 -16.89
CA ASP A 404 -3.22 -34.45 -18.19
C ASP A 404 -4.31 -34.55 -19.25
N PHE A 405 -4.64 -33.40 -19.85
CA PHE A 405 -5.72 -33.33 -20.82
C PHE A 405 -5.25 -33.55 -22.25
N LYS A 406 -3.98 -33.85 -22.46
CA LYS A 406 -3.45 -34.09 -23.80
C LYS A 406 -4.19 -35.23 -24.50
N ILE A 411 3.35 -32.85 -20.16
CA ILE A 411 2.53 -32.69 -18.96
C ILE A 411 2.79 -31.34 -18.31
N TYR A 412 1.85 -30.41 -18.48
CA TYR A 412 1.96 -29.09 -17.89
C TYR A 412 1.63 -29.12 -16.41
N ASP A 413 2.14 -28.12 -15.69
CA ASP A 413 1.90 -27.99 -14.25
C ASP A 413 1.05 -26.78 -13.90
N ASN A 414 0.48 -26.10 -14.90
CA ASN A 414 -0.25 -24.87 -14.64
C ASN A 414 -1.38 -24.63 -15.64
N ARG A 415 -1.95 -25.69 -16.21
CA ARG A 415 -3.07 -25.59 -17.13
C ARG A 415 -4.41 -25.92 -16.45
N ILE A 416 -4.47 -27.05 -15.75
CA ILE A 416 -5.63 -27.45 -14.97
C ILE A 416 -5.09 -27.93 -13.63
N VAL A 417 -5.37 -27.20 -12.55
CA VAL A 417 -4.75 -27.42 -11.26
C VAL A 417 -5.82 -27.71 -10.22
N LEU A 418 -5.55 -28.68 -9.36
CA LEU A 418 -6.43 -29.03 -8.25
C LEU A 418 -5.72 -28.75 -6.93
N ASN A 419 -6.37 -27.97 -6.07
CA ASN A 419 -5.88 -27.71 -4.73
C ASN A 419 -6.95 -28.12 -3.73
N GLY A 420 -6.52 -28.48 -2.52
CA GLY A 420 -7.46 -28.86 -1.49
C GLY A 420 -6.81 -29.44 -0.25
N ILE A 421 -7.50 -29.31 0.89
CA ILE A 421 -7.00 -29.92 2.12
C ILE A 421 -7.09 -31.44 2.04
N ASP A 422 -8.16 -31.96 1.43
CA ASP A 422 -8.35 -33.39 1.25
C ASP A 422 -7.92 -33.86 -0.14
N LEU A 423 -6.87 -33.27 -0.69
CA LEU A 423 -6.46 -33.61 -2.05
C LEU A 423 -5.92 -35.04 -2.12
N LYS A 424 -5.02 -35.40 -1.22
CA LYS A 424 -4.44 -36.74 -1.25
C LYS A 424 -5.51 -37.81 -1.04
N ALA A 425 -6.45 -37.58 -0.14
CA ALA A 425 -7.54 -38.53 0.05
C ALA A 425 -8.35 -38.69 -1.22
N PHE A 426 -8.61 -37.58 -1.92
CA PHE A 426 -9.33 -37.66 -3.19
C PHE A 426 -8.51 -38.37 -4.25
N LEU A 427 -7.21 -38.07 -4.31
CA LEU A 427 -6.34 -38.77 -5.25
C LEU A 427 -6.25 -40.26 -4.92
N ASP A 428 -6.29 -40.62 -3.64
CA ASP A 428 -6.24 -42.01 -3.26
C ASP A 428 -7.53 -42.76 -3.61
N SER A 429 -8.61 -42.05 -3.88
CA SER A 429 -9.84 -42.70 -4.31
C SER A 429 -9.86 -42.97 -5.81
N LEU A 430 -8.87 -42.46 -6.56
CA LEU A 430 -8.75 -42.68 -8.00
C LEU A 430 -7.76 -43.81 -8.29
N PRO A 431 -8.06 -44.66 -9.26
CA PRO A 431 -7.20 -45.83 -9.50
C PRO A 431 -6.01 -45.56 -10.42
N ASP A 432 -6.03 -44.43 -11.13
CA ASP A 432 -5.08 -44.17 -12.20
C ASP A 432 -4.33 -42.86 -12.00
N VAL A 433 -3.99 -42.52 -10.76
CA VAL A 433 -3.26 -41.30 -10.48
C VAL A 433 -1.76 -41.56 -10.67
N LYS A 434 -1.12 -40.77 -11.52
CA LYS A 434 0.31 -40.86 -11.75
C LYS A 434 1.03 -39.73 -11.01
N ILE A 435 2.33 -39.92 -10.83
CA ILE A 435 3.17 -38.96 -10.11
C ILE A 435 4.33 -38.55 -11.00
N VAL A 436 4.68 -37.27 -10.94
CA VAL A 436 5.83 -36.73 -11.66
C VAL A 436 6.80 -36.18 -10.61
N LYS A 437 7.90 -36.90 -10.40
CA LYS A 437 8.86 -36.51 -9.38
C LYS A 437 9.57 -35.23 -9.78
N MET A 438 9.58 -34.25 -8.87
CA MET A 438 10.23 -32.97 -9.12
C MET A 438 11.59 -32.90 -8.45
N LEU A 454 8.81 -31.54 -3.89
CA LEU A 454 7.77 -32.56 -3.80
C LEU A 454 7.24 -32.89 -5.18
N ASN A 455 7.00 -34.18 -5.43
CA ASN A 455 6.51 -34.62 -6.73
C ASN A 455 5.06 -34.17 -6.95
N MET A 456 4.68 -34.07 -8.22
CA MET A 456 3.37 -33.56 -8.61
C MET A 456 2.51 -34.69 -9.17
N PRO A 457 1.35 -34.96 -8.58
CA PRO A 457 0.48 -36.01 -9.11
C PRO A 457 -0.30 -35.52 -10.33
N VAL A 458 -0.55 -36.45 -11.25
CA VAL A 458 -1.20 -36.16 -12.52
C VAL A 458 -2.40 -37.08 -12.68
N ILE A 459 -3.54 -36.49 -13.01
CA ILE A 459 -4.78 -37.23 -13.26
C ILE A 459 -4.93 -37.39 -14.77
N PRO A 460 -5.06 -38.61 -15.29
CA PRO A 460 -5.23 -38.79 -16.73
C PRO A 460 -6.57 -38.24 -17.21
N MET A 461 -6.75 -38.27 -18.53
CA MET A 461 -7.95 -37.75 -19.18
C MET A 461 -9.03 -38.84 -19.21
N ASN A 462 -9.49 -39.19 -18.02
CA ASN A 462 -10.43 -40.28 -17.83
C ASN A 462 -11.85 -39.73 -17.68
N THR A 463 -12.77 -40.57 -17.21
CA THR A 463 -14.13 -40.11 -16.97
C THR A 463 -14.17 -39.01 -15.91
N ILE A 464 -13.36 -39.17 -14.86
CA ILE A 464 -13.31 -38.16 -13.80
C ILE A 464 -12.78 -36.85 -14.35
N ALA A 465 -11.77 -36.90 -15.21
CA ALA A 465 -11.19 -35.67 -15.76
C ALA A 465 -12.19 -34.92 -16.63
N GLU A 466 -12.92 -35.63 -17.48
CA GLU A 466 -13.93 -34.98 -18.31
C GLU A 466 -15.02 -34.34 -17.48
N ALA A 467 -15.34 -34.94 -16.33
CA ALA A 467 -16.39 -34.39 -15.47
C ALA A 467 -15.98 -33.03 -14.91
N VAL A 468 -14.72 -32.88 -14.50
CA VAL A 468 -14.25 -31.60 -13.96
C VAL A 468 -14.22 -30.55 -15.06
N ILE A 469 -13.66 -30.91 -16.22
CA ILE A 469 -13.63 -29.97 -17.35
C ILE A 469 -15.05 -29.54 -17.70
N GLU A 470 -16.00 -30.47 -17.70
CA GLU A 470 -17.37 -30.13 -18.04
C GLU A 470 -17.93 -29.07 -17.10
N MET A 471 -17.56 -29.13 -15.82
CA MET A 471 -18.04 -28.15 -14.86
C MET A 471 -17.57 -26.75 -15.22
N ILE A 472 -16.28 -26.62 -15.58
CA ILE A 472 -15.73 -25.30 -15.90
C ILE A 472 -16.38 -24.74 -17.16
N ASN A 473 -16.41 -25.54 -18.23
CA ASN A 473 -17.01 -25.06 -19.47
C ASN A 473 -18.48 -24.71 -19.27
N ARG A 474 -19.24 -25.60 -18.63
CA ARG A 474 -20.65 -25.32 -18.35
C ARG A 474 -20.84 -24.26 -17.29
N GLY A 475 -19.78 -23.82 -16.62
CA GLY A 475 -19.90 -22.79 -15.61
C GLY A 475 -20.57 -23.24 -14.34
N GLN A 476 -20.65 -24.55 -14.09
CA GLN A 476 -21.28 -25.04 -12.87
C GLN A 476 -20.45 -24.64 -11.65
N ILE A 477 -21.13 -24.62 -10.49
CA ILE A 477 -20.49 -24.15 -9.27
C ILE A 477 -19.60 -25.23 -8.67
N GLN A 478 -20.09 -26.46 -8.60
CA GLN A 478 -19.28 -27.55 -8.07
C GLN A 478 -19.98 -28.87 -8.34
N ILE A 479 -19.21 -29.95 -8.24
CA ILE A 479 -19.69 -31.30 -8.44
C ILE A 479 -19.15 -32.17 -7.31
N THR A 480 -19.59 -33.42 -7.29
CA THR A 480 -19.15 -34.39 -6.30
C THR A 480 -18.61 -35.62 -7.02
N ILE A 481 -17.44 -36.09 -6.58
CA ILE A 481 -16.79 -37.26 -7.16
C ILE A 481 -16.27 -38.12 -6.02
N ASN A 482 -16.72 -39.37 -5.95
CA ASN A 482 -16.33 -40.28 -4.89
C ASN A 482 -16.59 -39.64 -3.52
N GLY A 483 -17.71 -38.91 -3.41
CA GLY A 483 -18.07 -38.23 -2.19
C GLY A 483 -17.35 -36.93 -1.93
N PHE A 484 -16.30 -36.62 -2.68
CA PHE A 484 -15.56 -35.37 -2.50
C PHE A 484 -16.21 -34.25 -3.29
N SER A 485 -16.26 -33.07 -2.69
CA SER A 485 -16.77 -31.88 -3.36
C SER A 485 -15.66 -31.22 -4.15
N ILE A 486 -15.93 -30.94 -5.43
CA ILE A 486 -14.96 -30.31 -6.33
C ILE A 486 -15.53 -28.96 -6.73
N SER A 487 -14.89 -27.88 -6.30
CA SER A 487 -15.41 -26.53 -6.44
C SER A 487 -14.83 -25.85 -7.68
N ASN A 488 -15.68 -25.13 -8.41
CA ASN A 488 -15.21 -24.24 -9.46
C ASN A 488 -14.48 -23.07 -8.83
N GLY A 489 -13.25 -22.82 -9.30
CA GLY A 489 -12.45 -21.77 -8.71
C GLY A 489 -13.07 -20.39 -8.83
N LEU A 490 -13.85 -20.16 -9.89
CA LEU A 490 -14.46 -18.86 -10.13
C LEU A 490 -15.64 -18.56 -9.22
N ALA A 491 -16.11 -19.53 -8.43
CA ALA A 491 -17.33 -19.38 -7.65
C ALA A 491 -17.11 -19.62 -6.16
N THR A 492 -15.92 -19.26 -5.65
CA THR A 492 -15.66 -19.48 -4.24
C THR A 492 -16.59 -18.66 -3.35
N THR A 493 -16.98 -17.46 -3.79
CA THR A 493 -17.85 -16.63 -2.97
C THR A 493 -19.22 -17.29 -2.78
N GLN A 494 -19.76 -17.88 -3.84
CA GLN A 494 -21.04 -18.57 -3.73
C GLN A 494 -20.96 -19.82 -2.86
N ILE A 495 -19.75 -20.32 -2.62
CA ILE A 495 -19.57 -21.53 -1.82
C ILE A 495 -19.29 -21.20 -0.36
N ASN A 496 -18.33 -20.32 -0.11
CA ASN A 496 -17.98 -19.94 1.26
C ASN A 496 -17.22 -18.62 1.18
N ASN A 497 -17.91 -17.52 1.48
CA ASN A 497 -17.30 -16.21 1.34
C ASN A 497 -16.10 -16.05 2.27
N LYS A 498 -16.16 -16.65 3.46
CA LYS A 498 -15.00 -16.62 4.34
C LYS A 498 -13.77 -17.24 3.68
N ALA A 499 -13.96 -18.34 2.96
CA ALA A 499 -12.86 -18.95 2.24
C ALA A 499 -12.31 -18.02 1.17
N ALA A 500 -13.19 -17.24 0.54
CA ALA A 500 -12.76 -16.42 -0.59
C ALA A 500 -11.89 -15.26 -0.14
N THR A 501 -12.17 -14.70 1.04
CA THR A 501 -11.38 -13.57 1.55
C THR A 501 -10.11 -14.01 2.27
N GLY A 502 -9.86 -15.31 2.38
CA GLY A 502 -8.75 -15.79 3.18
C GLY A 502 -9.00 -15.84 4.66
N GLU A 503 -10.21 -15.47 5.12
CA GLU A 503 -10.54 -15.59 6.54
C GLU A 503 -10.54 -17.05 6.97
N GLU A 504 -11.08 -17.93 6.14
CA GLU A 504 -11.07 -19.37 6.39
C GLU A 504 -10.30 -20.08 5.28
N VAL A 505 -9.90 -21.32 5.57
CA VAL A 505 -9.28 -22.17 4.56
C VAL A 505 -10.40 -22.89 3.81
N PRO A 506 -10.41 -22.85 2.48
CA PRO A 506 -11.44 -23.58 1.74
C PRO A 506 -11.38 -25.07 2.05
N ARG A 507 -12.54 -25.64 2.39
CA ARG A 507 -12.62 -27.04 2.77
C ARG A 507 -12.91 -27.97 1.61
N THR A 508 -13.05 -27.43 0.39
CA THR A 508 -13.32 -28.23 -0.79
C THR A 508 -12.08 -28.27 -1.69
N ILE A 509 -12.07 -29.23 -2.60
CA ILE A 509 -11.03 -29.30 -3.62
C ILE A 509 -11.39 -28.33 -4.73
N ILE A 510 -10.50 -27.38 -5.00
CA ILE A 510 -10.77 -26.30 -5.93
C ILE A 510 -10.07 -26.59 -7.26
N VAL A 511 -10.73 -26.25 -8.36
CA VAL A 511 -10.20 -26.44 -9.70
C VAL A 511 -9.85 -25.08 -10.28
N THR A 512 -8.61 -24.94 -10.76
CA THR A 512 -8.14 -23.71 -11.39
C THR A 512 -7.62 -24.05 -12.77
N THR A 513 -8.18 -23.42 -13.80
CA THR A 513 -7.82 -23.70 -15.18
C THR A 513 -7.51 -22.40 -15.91
N ARG A 514 -6.54 -22.45 -16.82
CA ARG A 514 -6.28 -21.30 -17.67
C ARG A 514 -7.52 -20.92 -18.46
N SER A 515 -8.39 -21.89 -18.76
CA SER A 515 -9.58 -21.61 -19.55
C SER A 515 -10.53 -20.67 -18.82
N GLN A 516 -10.48 -20.65 -17.49
CA GLN A 516 -11.34 -19.76 -16.72
C GLN A 516 -11.04 -18.29 -17.01
N TYR A 517 -9.80 -17.98 -17.39
CA TYR A 517 -9.36 -16.59 -17.57
C TYR A 517 -8.93 -16.32 -19.01
N GLY A 518 -9.34 -17.15 -19.96
CA GLY A 518 -8.98 -16.92 -21.34
C GLY A 518 -7.49 -17.01 -21.63
N LEU A 519 -6.75 -17.77 -20.82
CA LEU A 519 -5.33 -17.90 -21.08
C LEU A 519 -5.07 -19.01 -22.09
N PRO A 520 -4.04 -18.86 -22.92
CA PRO A 520 -3.74 -19.90 -23.91
C PRO A 520 -3.25 -21.17 -23.24
N GLU A 521 -3.72 -22.30 -23.76
CA GLU A 521 -3.30 -23.60 -23.23
C GLU A 521 -1.90 -23.99 -23.66
N ASP A 522 -1.39 -23.42 -24.75
CA ASP A 522 -0.11 -23.84 -25.33
C ASP A 522 0.81 -22.66 -25.53
N ALA A 523 0.87 -21.75 -24.56
CA ALA A 523 1.73 -20.58 -24.66
C ALA A 523 2.22 -20.17 -23.28
N ILE A 524 3.40 -19.55 -23.23
CA ILE A 524 3.92 -19.04 -21.97
C ILE A 524 3.05 -17.88 -21.50
N VAL A 525 2.83 -17.83 -20.18
CA VAL A 525 1.99 -16.81 -19.57
C VAL A 525 2.85 -16.01 -18.60
N TYR A 526 3.21 -14.79 -18.99
CA TYR A 526 3.84 -13.83 -18.10
C TYR A 526 2.73 -13.04 -17.40
N CYS A 527 2.79 -12.99 -16.07
CA CYS A 527 1.74 -12.35 -15.29
C CYS A 527 2.30 -11.22 -14.45
N ASN A 528 1.41 -10.29 -14.09
CA ASN A 528 1.72 -9.25 -13.10
C ASN A 528 0.39 -8.78 -12.53
N PHE A 529 0.11 -9.15 -11.29
CA PHE A 529 -1.12 -8.76 -10.61
C PHE A 529 -0.95 -7.49 -9.77
N ASN A 530 0.13 -6.75 -10.00
CA ASN A 530 0.31 -5.46 -9.33
C ASN A 530 -0.72 -4.45 -9.85
N GLN A 531 -0.95 -3.42 -9.03
CA GLN A 531 -1.77 -2.29 -9.44
C GLN A 531 -1.10 -1.54 -10.59
N LEU A 532 -1.93 -1.03 -11.50
CA LEU A 532 -1.40 -0.51 -12.76
C LEU A 532 -0.48 0.68 -12.56
N TYR A 533 -0.71 1.49 -11.52
CA TYR A 533 0.08 2.70 -11.35
C TYR A 533 1.56 2.40 -11.14
N LYS A 534 1.93 1.15 -10.86
CA LYS A 534 3.32 0.77 -10.70
C LYS A 534 4.03 0.55 -12.02
N ILE A 535 3.30 0.55 -13.14
CA ILE A 535 3.87 0.39 -14.47
C ILE A 535 4.17 1.76 -15.06
N ASP A 536 5.26 1.86 -15.80
CA ASP A 536 5.66 3.08 -16.49
C ASP A 536 6.07 2.74 -17.91
N PRO A 537 6.23 3.75 -18.77
CA PRO A 537 6.56 3.46 -20.17
C PRO A 537 7.78 2.58 -20.36
N SER A 538 8.82 2.77 -19.57
CA SER A 538 10.00 1.92 -19.69
C SER A 538 9.68 0.48 -19.34
N THR A 539 8.86 0.27 -18.30
CA THR A 539 8.54 -1.09 -17.88
C THR A 539 7.74 -1.83 -18.95
N LEU A 540 6.73 -1.17 -19.54
CA LEU A 540 5.95 -1.82 -20.59
C LEU A 540 6.82 -2.12 -21.81
N GLN A 541 7.78 -1.24 -22.11
CA GLN A 541 8.68 -1.48 -23.23
C GLN A 541 9.51 -2.73 -23.01
N MET A 542 9.99 -2.94 -21.77
CA MET A 542 10.69 -4.18 -21.45
C MET A 542 9.81 -5.39 -21.71
N TRP A 543 8.57 -5.34 -21.20
CA TRP A 543 7.66 -6.47 -21.38
C TRP A 543 7.37 -6.70 -22.86
N ALA A 544 7.28 -5.64 -23.65
CA ALA A 544 7.07 -5.80 -25.08
C ALA A 544 8.26 -6.48 -25.73
N ASN A 545 9.48 -6.09 -25.34
CA ASN A 545 10.66 -6.76 -25.88
C ASN A 545 10.64 -8.24 -25.55
N ILE A 546 10.17 -8.59 -24.35
CA ILE A 546 10.15 -9.99 -23.95
C ILE A 546 9.12 -10.77 -24.76
N LEU A 547 7.97 -10.16 -25.06
CA LEU A 547 6.94 -10.85 -25.82
C LEU A 547 7.36 -11.04 -27.27
N LYS A 548 8.02 -10.04 -27.86
CA LYS A 548 8.51 -10.21 -29.22
C LYS A 548 9.56 -11.30 -29.32
N ARG A 549 10.37 -11.48 -28.27
CA ARG A 549 11.41 -12.50 -28.28
C ARG A 549 10.87 -13.88 -27.91
N VAL A 550 9.75 -13.95 -27.20
CA VAL A 550 9.08 -15.22 -26.92
C VAL A 550 7.74 -15.20 -27.66
N PRO A 551 7.69 -15.67 -28.92
CA PRO A 551 6.46 -15.50 -29.71
C PRO A 551 5.26 -16.19 -29.09
N ASN A 552 5.45 -17.36 -28.49
CA ASN A 552 4.35 -18.13 -27.93
C ASN A 552 4.17 -17.78 -26.46
N SER A 553 3.77 -16.52 -26.24
CA SER A 553 3.58 -16.02 -24.88
C SER A 553 2.56 -14.88 -24.89
N VAL A 554 2.01 -14.61 -23.71
CA VAL A 554 1.05 -13.54 -23.51
C VAL A 554 1.30 -12.90 -22.15
N LEU A 555 0.82 -11.67 -22.00
CA LEU A 555 0.97 -10.91 -20.77
C LEU A 555 -0.36 -10.88 -20.03
N TRP A 556 -0.32 -11.21 -18.74
CA TRP A 556 -1.51 -11.31 -17.90
C TRP A 556 -1.46 -10.17 -16.89
N LEU A 557 -2.48 -9.31 -16.92
CA LEU A 557 -2.52 -8.12 -16.09
C LEU A 557 -3.86 -8.01 -15.37
N LEU A 558 -3.85 -7.19 -14.32
CA LEU A 558 -5.02 -6.97 -13.48
C LEU A 558 -5.73 -5.70 -13.91
N ARG A 559 -7.06 -5.75 -13.92
CA ARG A 559 -7.88 -4.59 -14.27
C ARG A 559 -8.04 -3.70 -13.03
N PHE A 560 -7.02 -2.90 -12.77
CA PHE A 560 -7.02 -2.02 -11.61
C PHE A 560 -6.22 -0.75 -11.88
N PRO A 561 -6.91 0.33 -12.28
CA PRO A 561 -8.35 0.38 -12.55
C PRO A 561 -8.71 -0.10 -13.96
N ALA A 562 -9.98 -0.48 -14.18
CA ALA A 562 -10.37 -1.04 -15.47
C ALA A 562 -10.12 -0.06 -16.61
N VAL A 563 -10.28 1.25 -16.36
CA VAL A 563 -10.08 2.24 -17.41
C VAL A 563 -8.64 2.34 -17.87
N GLY A 564 -7.70 1.70 -17.16
CA GLY A 564 -6.33 1.62 -17.63
C GLY A 564 -6.09 0.56 -18.67
N GLU A 565 -6.99 -0.40 -18.81
CA GLU A 565 -6.82 -1.44 -19.83
C GLU A 565 -6.68 -0.87 -21.22
N PRO A 566 -7.57 0.01 -21.70
CA PRO A 566 -7.37 0.57 -23.06
C PRO A 566 -6.09 1.36 -23.19
N ASN A 567 -5.68 2.04 -22.11
CA ASN A 567 -4.45 2.82 -22.15
C ASN A 567 -3.24 1.93 -22.39
N ILE A 568 -3.14 0.83 -21.63
CA ILE A 568 -2.02 -0.09 -21.79
CA ILE A 568 -2.02 -0.09 -21.79
C ILE A 568 -2.02 -0.71 -23.18
N GLN A 569 -3.20 -1.12 -23.67
CA GLN A 569 -3.28 -1.72 -25.00
C GLN A 569 -2.69 -0.80 -26.07
N GLN A 570 -3.13 0.47 -26.08
CA GLN A 570 -2.68 1.40 -27.10
C GLN A 570 -1.16 1.45 -27.17
N TYR A 571 -0.50 1.53 -26.01
CA TYR A 571 0.96 1.56 -25.99
C TYR A 571 1.55 0.23 -26.42
N ALA A 572 1.00 -0.89 -25.93
CA ALA A 572 1.43 -2.19 -26.44
C ALA A 572 1.20 -2.29 -27.94
N GLN A 573 0.13 -1.66 -28.43
CA GLN A 573 -0.15 -1.66 -29.86
C GLN A 573 0.88 -0.84 -30.63
N ASN A 574 1.28 0.31 -30.09
CA ASN A 574 2.34 1.08 -30.71
C ASN A 574 3.64 0.29 -30.79
N MET A 575 3.91 -0.56 -29.81
CA MET A 575 5.15 -1.33 -29.77
C MET A 575 5.07 -2.61 -30.58
N GLY A 576 3.99 -2.86 -31.30
CA GLY A 576 3.89 -3.97 -32.20
C GLY A 576 3.27 -5.24 -31.66
N LEU A 577 2.60 -5.18 -30.50
CA LEU A 577 1.99 -6.35 -29.90
C LEU A 577 0.49 -6.34 -30.16
N PRO A 578 -0.07 -7.38 -30.77
CA PRO A 578 -1.52 -7.40 -30.99
C PRO A 578 -2.27 -7.40 -29.66
N GLN A 579 -3.55 -7.00 -29.74
CA GLN A 579 -4.35 -6.86 -28.52
C GLN A 579 -4.60 -8.19 -27.82
N ASN A 580 -4.54 -9.31 -28.54
CA ASN A 580 -4.76 -10.61 -27.90
C ASN A 580 -3.53 -11.11 -27.16
N ARG A 581 -2.38 -10.43 -27.28
CA ARG A 581 -1.19 -10.83 -26.53
C ARG A 581 -1.23 -10.35 -25.08
N ILE A 582 -2.10 -9.41 -24.76
CA ILE A 582 -2.23 -8.88 -23.40
C ILE A 582 -3.63 -9.24 -22.90
N ILE A 583 -3.70 -10.13 -21.93
CA ILE A 583 -4.97 -10.63 -21.38
C ILE A 583 -5.20 -9.97 -20.03
N PHE A 584 -6.40 -9.42 -19.85
CA PHE A 584 -6.78 -8.73 -18.62
C PHE A 584 -7.82 -9.54 -17.87
N SER A 585 -7.65 -9.63 -16.55
CA SER A 585 -8.61 -10.27 -15.66
C SER A 585 -9.09 -9.28 -14.62
N PRO A 586 -10.32 -9.42 -14.14
CA PRO A 586 -10.81 -8.54 -13.08
C PRO A 586 -10.15 -8.87 -11.75
N VAL A 587 -10.25 -7.92 -10.83
CA VAL A 587 -9.78 -8.15 -9.46
C VAL A 587 -10.63 -9.24 -8.83
N ALA A 588 -9.97 -10.20 -8.21
CA ALA A 588 -10.61 -11.36 -7.62
C ALA A 588 -10.48 -11.35 -6.10
N PRO A 589 -11.25 -12.18 -5.41
CA PRO A 589 -11.05 -12.35 -3.97
C PRO A 589 -9.62 -12.76 -3.66
N LYS A 590 -9.21 -12.53 -2.42
CA LYS A 590 -7.82 -12.81 -2.02
C LYS A 590 -7.42 -14.23 -2.37
N GLU A 591 -8.22 -15.21 -1.95
CA GLU A 591 -7.87 -16.62 -2.18
C GLU A 591 -7.77 -16.92 -3.67
N GLU A 592 -8.72 -16.42 -4.47
CA GLU A 592 -8.65 -16.65 -5.91
C GLU A 592 -7.45 -15.96 -6.53
N HIS A 593 -7.08 -14.78 -6.03
CA HIS A 593 -5.92 -14.07 -6.55
C HIS A 593 -4.64 -14.87 -6.33
N VAL A 594 -4.45 -15.36 -5.10
CA VAL A 594 -3.24 -16.11 -4.78
C VAL A 594 -3.26 -17.48 -5.46
N ARG A 595 -4.44 -18.09 -5.59
CA ARG A 595 -4.51 -19.44 -6.13
C ARG A 595 -4.33 -19.45 -7.64
N ARG A 596 -4.89 -18.46 -8.35
CA ARG A 596 -4.77 -18.44 -9.81
C ARG A 596 -3.38 -18.04 -10.27
N GLY A 597 -2.48 -17.64 -9.36
CA GLY A 597 -1.10 -17.46 -9.72
C GLY A 597 -0.42 -18.74 -10.17
N GLN A 598 -0.97 -19.90 -9.80
CA GLN A 598 -0.43 -21.17 -10.24
C GLN A 598 -0.56 -21.38 -11.73
N LEU A 599 -1.39 -20.58 -12.40
CA LEU A 599 -1.61 -20.74 -13.84
C LEU A 599 -0.52 -20.11 -14.69
N ALA A 600 0.29 -19.22 -14.11
CA ALA A 600 1.31 -18.51 -14.87
C ALA A 600 2.63 -19.28 -14.85
N ASP A 601 3.43 -19.05 -15.90
CA ASP A 601 4.76 -19.63 -15.95
C ASP A 601 5.77 -18.75 -15.21
N VAL A 602 5.75 -17.44 -15.47
CA VAL A 602 6.67 -16.51 -14.86
C VAL A 602 5.92 -15.26 -14.43
N CYS A 603 6.45 -14.58 -13.43
CA CYS A 603 5.92 -13.30 -12.99
C CYS A 603 6.94 -12.21 -13.29
N LEU A 604 6.50 -11.18 -14.01
CA LEU A 604 7.36 -10.06 -14.39
C LEU A 604 7.11 -8.93 -13.40
N ASP A 605 8.08 -8.71 -12.51
CA ASP A 605 7.94 -7.68 -11.49
C ASP A 605 8.08 -6.29 -12.09
N THR A 606 7.47 -5.31 -11.42
CA THR A 606 7.52 -3.93 -11.88
C THR A 606 8.74 -3.24 -11.28
N PRO A 607 9.70 -2.79 -12.09
CA PRO A 607 10.92 -2.19 -11.51
C PRO A 607 10.66 -0.87 -10.81
N LEU A 608 9.78 -0.03 -11.35
CA LEU A 608 9.51 1.27 -10.74
C LEU A 608 9.16 1.11 -9.27
N CYS A 609 8.14 0.32 -8.98
CA CYS A 609 7.75 0.00 -7.61
C CYS A 609 7.38 -1.48 -7.58
N ASN A 610 8.13 -2.27 -6.80
CA ASN A 610 7.87 -3.70 -6.73
C ASN A 610 6.52 -3.97 -6.07
N GLY A 611 5.89 -5.06 -6.48
CA GLY A 611 4.72 -5.56 -5.80
C GLY A 611 5.11 -6.38 -4.59
N HIS A 612 5.14 -5.75 -3.42
CA HIS A 612 5.65 -6.42 -2.23
C HIS A 612 4.71 -7.55 -1.79
N THR A 613 3.44 -7.22 -1.52
CA THR A 613 2.47 -8.25 -1.20
C THR A 613 2.20 -9.15 -2.40
N THR A 614 2.16 -8.57 -3.61
CA THR A 614 1.92 -9.37 -4.81
C THR A 614 3.03 -10.38 -5.04
N GLY A 615 4.28 -10.00 -4.74
CA GLY A 615 5.37 -10.94 -4.89
C GLY A 615 5.26 -12.13 -3.96
N MET A 616 4.80 -11.89 -2.72
CA MET A 616 4.58 -12.98 -1.79
C MET A 616 3.47 -13.90 -2.29
N ASP A 617 2.39 -13.33 -2.83
CA ASP A 617 1.33 -14.16 -3.37
C ASP A 617 1.84 -15.00 -4.54
N VAL A 618 2.57 -14.37 -5.46
CA VAL A 618 3.08 -15.10 -6.62
C VAL A 618 4.08 -16.17 -6.19
N LEU A 619 4.98 -15.84 -5.27
CA LEU A 619 5.97 -16.81 -4.82
C LEU A 619 5.31 -18.01 -4.15
N TRP A 620 4.27 -17.76 -3.35
CA TRP A 620 3.57 -18.85 -2.68
C TRP A 620 2.98 -19.84 -3.68
N ALA A 621 2.56 -19.34 -4.85
CA ALA A 621 2.00 -20.20 -5.89
C ALA A 621 3.06 -20.97 -6.66
N GLY A 622 4.34 -20.85 -6.29
CA GLY A 622 5.38 -21.53 -7.02
C GLY A 622 5.71 -20.92 -8.36
N THR A 623 5.39 -19.64 -8.56
CA THR A 623 5.64 -18.96 -9.82
C THR A 623 6.91 -18.14 -9.73
N PRO A 624 7.89 -18.35 -10.60
CA PRO A 624 9.10 -17.52 -10.56
C PRO A 624 8.78 -16.08 -10.88
N MET A 625 9.48 -15.17 -10.20
CA MET A 625 9.31 -13.73 -10.42
C MET A 625 10.65 -13.14 -10.83
N VAL A 626 10.64 -12.41 -11.95
CA VAL A 626 11.82 -11.71 -12.45
C VAL A 626 11.73 -10.26 -11.98
N THR A 627 12.82 -9.75 -11.42
CA THR A 627 12.83 -8.39 -10.87
C THR A 627 14.16 -7.73 -11.16
N MET A 628 14.14 -6.40 -11.23
CA MET A 628 15.32 -5.57 -11.43
C MET A 628 15.35 -4.53 -10.30
N PRO A 629 16.07 -4.83 -9.22
CA PRO A 629 16.05 -3.90 -8.07
C PRO A 629 16.63 -2.54 -8.45
N GLY A 630 15.90 -1.49 -8.06
CA GLY A 630 16.35 -0.13 -8.27
C GLY A 630 17.12 0.39 -7.08
N GLU A 631 16.90 1.65 -6.71
CA GLU A 631 17.58 2.27 -5.58
C GLU A 631 16.66 2.54 -4.40
N THR A 632 15.42 2.94 -4.66
CA THR A 632 14.47 3.15 -3.58
C THR A 632 14.16 1.84 -2.88
N LEU A 633 13.60 1.94 -1.67
CA LEU A 633 13.20 0.74 -0.94
C LEU A 633 12.08 0.01 -1.67
N ALA A 634 11.13 0.74 -2.24
CA ALA A 634 10.00 0.10 -2.90
C ALA A 634 10.45 -0.69 -4.13
N SER A 635 11.56 -0.30 -4.75
CA SER A 635 12.04 -0.96 -5.95
C SER A 635 12.99 -2.12 -5.65
N ARG A 636 13.30 -2.38 -4.38
CA ARG A 636 14.24 -3.42 -4.01
C ARG A 636 13.63 -4.52 -3.16
N VAL A 637 12.33 -4.49 -2.90
CA VAL A 637 11.70 -5.50 -2.07
C VAL A 637 11.63 -6.83 -2.80
N ALA A 638 11.30 -6.81 -4.10
CA ALA A 638 11.22 -8.03 -4.87
C ALA A 638 12.55 -8.77 -4.87
N ALA A 639 13.65 -8.05 -5.07
CA ALA A 639 14.97 -8.67 -5.02
C ALA A 639 15.25 -9.22 -3.63
N SER A 640 14.80 -8.52 -2.59
CA SER A 640 15.02 -9.00 -1.23
C SER A 640 14.29 -10.31 -0.98
N GLN A 641 13.05 -10.41 -1.45
CA GLN A 641 12.27 -11.64 -1.26
C GLN A 641 12.95 -12.82 -1.95
N LEU A 642 13.37 -12.64 -3.19
CA LEU A 642 14.00 -13.75 -3.92
C LEU A 642 15.34 -14.12 -3.29
N THR A 643 16.11 -13.12 -2.86
CA THR A 643 17.36 -13.41 -2.17
C THR A 643 17.14 -14.33 -0.98
N CYS A 644 16.08 -14.05 -0.20
CA CYS A 644 15.73 -14.93 0.91
C CYS A 644 15.24 -16.28 0.41
N LEU A 645 14.42 -16.28 -0.65
CA LEU A 645 13.96 -17.53 -1.23
C LEU A 645 15.09 -18.37 -1.78
N GLY A 646 16.22 -17.75 -2.13
CA GLY A 646 17.35 -18.48 -2.66
C GLY A 646 17.40 -18.58 -4.16
N CYS A 647 16.79 -17.63 -4.87
CA CYS A 647 16.74 -17.64 -6.33
C CYS A 647 17.45 -16.38 -6.85
N LEU A 648 18.78 -16.39 -6.77
CA LEU A 648 19.55 -15.23 -7.22
C LEU A 648 19.54 -15.08 -8.74
N GLU A 649 19.16 -16.12 -9.48
CA GLU A 649 19.17 -16.04 -10.94
C GLU A 649 17.98 -15.26 -11.50
N LEU A 650 17.03 -14.85 -10.66
CA LEU A 650 15.89 -14.07 -11.10
C LEU A 650 16.03 -12.58 -10.81
N ILE A 651 17.20 -12.14 -10.35
CA ILE A 651 17.46 -10.74 -10.04
C ILE A 651 18.32 -10.16 -11.15
N ALA A 652 17.80 -9.14 -11.82
CA ALA A 652 18.47 -8.52 -12.96
C ALA A 652 19.20 -7.27 -12.51
N LYS A 653 20.41 -7.07 -13.03
CA LYS A 653 21.21 -5.89 -12.72
C LYS A 653 20.90 -4.70 -13.62
N ASN A 654 20.36 -4.95 -14.81
CA ASN A 654 19.95 -3.90 -15.72
C ASN A 654 18.78 -4.42 -16.56
N ARG A 655 18.28 -3.56 -17.45
CA ARG A 655 17.11 -3.92 -18.24
C ARG A 655 17.42 -5.04 -19.22
N GLN A 656 18.63 -5.05 -19.78
CA GLN A 656 18.97 -6.10 -20.74
C GLN A 656 19.01 -7.47 -20.08
N GLU A 657 19.50 -7.54 -18.84
CA GLU A 657 19.50 -8.82 -18.13
C GLU A 657 18.09 -9.19 -17.68
N TYR A 658 17.26 -8.19 -17.37
CA TYR A 658 15.86 -8.46 -17.03
C TYR A 658 15.14 -9.16 -18.18
N GLU A 659 15.30 -8.63 -19.40
CA GLU A 659 14.66 -9.25 -20.56
C GLU A 659 15.25 -10.61 -20.86
N ASP A 660 16.58 -10.74 -20.82
CA ASP A 660 17.22 -12.01 -21.10
C ASP A 660 16.74 -13.09 -20.13
N ILE A 661 16.66 -12.76 -18.84
CA ILE A 661 16.21 -13.73 -17.85
C ILE A 661 14.78 -14.18 -18.15
N ALA A 662 13.93 -13.23 -18.54
CA ALA A 662 12.53 -13.57 -18.84
C ALA A 662 12.42 -14.38 -20.13
N VAL A 663 13.17 -13.99 -21.16
CA VAL A 663 13.11 -14.73 -22.43
C VAL A 663 13.63 -16.14 -22.25
N LYS A 664 14.61 -16.34 -21.36
CA LYS A 664 15.15 -17.67 -21.16
C LYS A 664 14.14 -18.59 -20.48
N LEU A 665 13.34 -18.04 -19.56
CA LEU A 665 12.33 -18.84 -18.87
C LEU A 665 11.17 -19.21 -19.79
N GLY A 666 10.97 -18.49 -20.89
CA GLY A 666 9.85 -18.75 -21.77
C GLY A 666 10.18 -19.58 -22.99
N THR A 667 11.48 -19.74 -23.28
CA THR A 667 11.92 -20.52 -24.42
C THR A 667 12.72 -21.77 -24.04
N ASP A 668 13.33 -21.80 -22.86
CA ASP A 668 14.04 -22.98 -22.37
C ASP A 668 13.10 -23.65 -21.36
N LEU A 669 12.25 -24.55 -21.86
CA LEU A 669 11.26 -25.17 -21.00
C LEU A 669 11.90 -26.06 -19.95
N GLU A 670 13.07 -26.62 -20.25
CA GLU A 670 13.80 -27.36 -19.23
C GLU A 670 14.27 -26.43 -18.11
N TYR A 671 14.81 -25.26 -18.48
CA TYR A 671 15.22 -24.29 -17.48
C TYR A 671 14.03 -23.74 -16.71
N LEU A 672 12.90 -23.56 -17.38
CA LEU A 672 11.69 -23.11 -16.70
C LEU A 672 11.22 -24.14 -15.68
N LYS A 673 11.23 -25.42 -16.06
CA LYS A 673 10.83 -26.47 -15.12
C LYS A 673 11.74 -26.48 -13.90
N LYS A 674 13.04 -26.34 -14.11
CA LYS A 674 13.99 -26.31 -12.99
C LYS A 674 13.72 -25.13 -12.07
N VAL A 675 13.51 -23.95 -12.64
CA VAL A 675 13.32 -22.76 -11.81
C VAL A 675 11.95 -22.79 -11.12
N ARG A 676 10.94 -23.39 -11.77
CA ARG A 676 9.63 -23.50 -11.14
C ARG A 676 9.67 -24.47 -9.97
N GLY A 677 10.35 -25.61 -10.13
CA GLY A 677 10.51 -26.52 -9.02
C GLY A 677 11.33 -25.94 -7.88
N LYS A 678 12.30 -25.08 -8.21
CA LYS A 678 13.10 -24.43 -7.17
C LYS A 678 12.23 -23.55 -6.29
N VAL A 679 11.42 -22.68 -6.91
CA VAL A 679 10.52 -21.83 -6.14
C VAL A 679 9.50 -22.67 -5.39
N TRP A 680 8.99 -23.72 -6.05
CA TRP A 680 7.98 -24.56 -5.42
C TRP A 680 8.48 -25.20 -4.13
N LYS A 681 9.74 -25.61 -4.12
CA LYS A 681 10.30 -26.26 -2.94
C LYS A 681 10.73 -25.25 -1.88
N GLN A 682 11.43 -24.20 -2.30
CA GLN A 682 12.07 -23.30 -1.35
C GLN A 682 11.10 -22.31 -0.71
N ARG A 683 9.91 -22.13 -1.27
CA ARG A 683 8.90 -21.36 -0.57
C ARG A 683 8.58 -21.97 0.79
N ILE A 684 8.80 -23.28 0.92
CA ILE A 684 8.60 -23.98 2.19
C ILE A 684 9.90 -24.11 2.97
N SER A 685 10.99 -24.44 2.29
CA SER A 685 12.25 -24.71 2.98
C SER A 685 13.01 -23.45 3.36
N SER A 686 12.77 -22.34 2.68
CA SER A 686 13.43 -21.08 3.00
C SER A 686 12.64 -20.31 4.03
N PRO A 687 13.24 -19.30 4.65
CA PRO A 687 12.55 -18.57 5.72
C PRO A 687 11.50 -17.58 5.24
N LEU A 688 11.21 -17.54 3.93
CA LEU A 688 10.39 -16.46 3.39
C LEU A 688 9.00 -16.44 4.02
N PHE A 689 8.36 -17.60 4.15
CA PHE A 689 7.00 -17.69 4.67
C PHE A 689 6.94 -18.28 6.07
N ASN A 690 8.09 -18.47 6.72
CA ASN A 690 8.14 -19.06 8.07
C ASN A 690 7.94 -17.95 9.08
N THR A 691 6.68 -17.72 9.46
CA THR A 691 6.36 -16.67 10.43
C THR A 691 6.95 -16.98 11.79
N LYS A 692 7.02 -18.25 12.18
CA LYS A 692 7.60 -18.61 13.48
C LYS A 692 9.05 -18.16 13.55
N GLN A 693 9.84 -18.46 12.51
CA GLN A 693 11.23 -18.03 12.49
C GLN A 693 11.34 -16.51 12.40
N TYR A 694 10.50 -15.89 11.56
CA TYR A 694 10.53 -14.44 11.42
C TYR A 694 10.31 -13.75 12.76
N THR A 695 9.38 -14.27 13.57
CA THR A 695 9.09 -13.65 14.86
C THR A 695 10.27 -13.77 15.81
N MET A 696 10.94 -14.94 15.82
CA MET A 696 12.12 -15.09 16.68
C MET A 696 13.23 -14.14 16.26
N GLU A 697 13.43 -13.98 14.94
CA GLU A 697 14.45 -13.05 14.46
C GLU A 697 14.07 -11.61 14.77
N LEU A 698 12.78 -11.27 14.65
CA LEU A 698 12.32 -9.94 15.00
C LEU A 698 12.51 -9.65 16.48
N GLU A 699 12.32 -10.68 17.32
CA GLU A 699 12.51 -10.51 18.76
C GLU A 699 13.98 -10.26 19.08
N ARG A 700 14.89 -10.98 18.44
CA ARG A 700 16.32 -10.70 18.62
C ARG A 700 16.63 -9.26 18.25
N LEU A 701 16.03 -8.77 17.17
CA LEU A 701 16.27 -7.39 16.77
C LEU A 701 15.69 -6.41 17.77
N TYR A 702 14.49 -6.68 18.28
CA TYR A 702 13.91 -5.82 19.32
C TYR A 702 14.84 -5.69 20.52
N LEU A 703 15.43 -6.81 20.95
CA LEU A 703 16.28 -6.78 22.13
C LEU A 703 17.59 -6.03 21.86
N GLN A 704 18.11 -6.10 20.64
CA GLN A 704 19.26 -5.27 20.30
C GLN A 704 18.93 -3.79 20.50
N MET A 705 17.74 -3.37 20.05
CA MET A 705 17.35 -1.98 20.21
C MET A 705 17.24 -1.59 21.68
N TRP A 706 16.65 -2.47 22.49
CA TRP A 706 16.50 -2.16 23.92
C TRP A 706 17.84 -2.20 24.64
N GLU A 707 18.64 -3.26 24.41
CA GLU A 707 19.98 -3.29 24.99
C GLU A 707 20.74 -2.03 24.66
N HIS A 708 20.64 -1.57 23.40
CA HIS A 708 21.26 -0.31 23.01
C HIS A 708 20.68 0.86 23.80
N TYR A 709 19.36 0.86 24.01
CA TYR A 709 18.72 1.91 24.79
C TYR A 709 19.13 1.83 26.26
N ALA A 710 19.29 0.60 26.78
CA ALA A 710 19.69 0.46 28.18
C ALA A 710 21.02 1.15 28.45
N ALA A 711 21.99 1.00 27.54
CA ALA A 711 23.25 1.72 27.68
C ALA A 711 23.06 3.23 27.56
N GLY A 712 21.94 3.66 26.97
CA GLY A 712 21.69 5.06 26.72
C GLY A 712 22.12 5.54 25.33
N ASN A 713 22.84 4.72 24.58
CA ASN A 713 23.28 5.13 23.25
C ASN A 713 22.12 5.61 22.40
N LYS A 714 22.38 6.60 21.56
CA LYS A 714 21.36 7.07 20.64
C LYS A 714 21.10 6.02 19.56
N PRO A 715 19.91 6.00 18.98
CA PRO A 715 19.61 5.04 17.92
C PRO A 715 20.71 4.98 16.87
N ASP A 716 21.32 3.83 16.70
CA ASP A 716 22.41 3.64 15.76
C ASP A 716 22.07 2.49 14.82
N HIS A 717 22.80 2.43 13.71
CA HIS A 717 22.53 1.41 12.70
C HIS A 717 22.74 0.02 13.27
N MET A 718 21.78 -0.87 12.98
CA MET A 718 21.83 -2.27 13.38
C MET A 718 22.26 -3.17 12.24
N ILE A 719 23.04 -2.64 11.29
CA ILE A 719 23.41 -3.41 10.11
C ILE A 719 24.31 -4.59 10.49
N LYS A 720 25.20 -4.40 11.46
CA LYS A 720 26.09 -5.47 11.90
C LYS A 720 26.83 -6.08 10.71
N GLU B 3 -6.22 9.11 0.61
CA GLU B 3 -6.74 10.40 1.04
C GLU B 3 -6.03 11.56 0.35
N THR B 4 -6.58 11.98 -0.78
CA THR B 4 -5.99 13.08 -1.53
C THR B 4 -6.13 14.40 -0.77
N GLY B 5 -5.06 15.19 -0.80
CA GLY B 5 -5.10 16.49 -0.16
C GLY B 5 -5.91 17.49 -0.95
N THR B 6 -6.28 18.58 -0.28
CA THR B 6 -7.05 19.65 -0.88
C THR B 6 -6.28 20.95 -0.76
N THR B 7 -6.86 22.02 -1.33
CA THR B 7 -6.26 23.34 -1.35
C THR B 7 -7.18 24.31 -0.64
N ASN B 8 -6.65 25.00 0.37
CA ASN B 8 -7.39 26.07 1.01
C ASN B 8 -7.19 27.36 0.24
N THR B 9 -8.22 28.21 0.24
CA THR B 9 -8.18 29.50 -0.45
C THR B 9 -8.00 30.61 0.57
N ALA B 10 -7.04 31.49 0.30
CA ALA B 10 -6.80 32.67 1.13
C ALA B 10 -7.50 33.86 0.48
N THR B 11 -8.53 34.38 1.14
CA THR B 11 -9.31 35.48 0.61
C THR B 11 -8.64 36.81 0.96
N THR B 12 -8.46 37.66 -0.05
CA THR B 12 -7.83 38.96 0.14
C THR B 12 -8.80 40.11 -0.10
C10 JA4 C . -5.45 -9.03 -7.67
C13 JA4 C . -6.64 -8.62 -2.60
C20 JA4 C . -5.75 -3.26 -0.62
C21 JA4 C . -4.59 -2.41 -0.47
C24 JA4 C . -4.67 -1.21 0.27
C26 JA4 C . -7.03 -1.61 0.76
O01 JA4 C . -7.94 -5.51 -1.81
C02 JA4 C . -7.07 -4.81 -2.37
C03 JA4 C . -5.73 -4.63 -1.43
N04 JA4 C . -5.49 -5.83 -0.56
S05 JA4 C . -4.52 -7.19 -1.02
C06 JA4 C . -5.39 -7.98 -2.64
C07 JA4 C . -4.84 -7.96 -3.96
C08 JA4 C . -5.46 -8.53 -5.17
C09 JA4 C . -4.83 -8.48 -6.55
C11 JA4 C . -6.72 -9.17 -5.03
C12 JA4 C . -7.33 -9.20 -3.69
CL1 JA4 C . -7.46 -8.72 -0.95
N15 JA4 C . -7.38 -9.75 -6.20
C16 JA4 C . -6.78 -9.70 -7.53
O17 JA4 C . -7.38 -10.21 -8.49
O18 JA4 C . -3.22 -6.83 -1.38
O19 JA4 C . -4.54 -8.14 0.02
O22 JA4 C . -3.40 -2.81 -1.07
C23 JA4 C . -2.25 -1.93 -1.05
C25 JA4 C . -5.88 -0.82 0.88
C27 JA4 C . -6.95 -2.82 0.02
N28 JA4 C . -7.30 -4.31 -3.70
C29 JA4 C . -8.59 -4.59 -4.41
C30 JA4 C . -9.61 -3.36 -4.47
O31 JA4 C . -9.41 -2.39 -3.69
O32 JA4 C . -10.59 -3.44 -5.28
C33 JA4 C . -6.30 -3.45 -4.47
C34 JA4 C . -4.90 -4.08 -4.93
C35 JA4 C . -3.69 -4.24 -4.29
C36 JA4 C . -2.61 -4.88 -5.09
C37 JA4 C . -2.97 -5.21 -6.36
S38 JA4 C . -4.66 -4.74 -6.57
H101 JA4 C . -5.09 -9.03 -8.53
H241 JA4 C . -3.92 -0.67 0.37
H261 JA4 C . -7.82 -1.34 1.16
H031 JA4 C . -5.00 -4.64 -2.07
H041 JA4 C . -5.81 -5.67 0.23
H071 JA4 C . -4.01 -7.54 -4.05
H091 JA4 C . -4.01 -8.07 -6.65
H121 JA4 C . -8.16 -9.61 -3.56
H151 JA4 C . -8.14 -10.14 -6.15
H232 JA4 C . -1.53 -2.20 -1.64
H233 JA4 C . -1.83 -1.88 -0.18
H231 JA4 C . -2.49 -1.04 -1.35
H251 JA4 C . -5.91 -0.02 1.36
H271 JA4 C . -7.72 -3.32 -0.05
H292 JA4 C . -9.06 -5.33 -4.01
H291 JA4 C . -8.43 -4.90 -5.32
H332 JA4 C . -6.78 -3.09 -5.23
H331 JA4 C . -6.10 -2.67 -3.93
H351 JA4 C . -3.50 -3.98 -3.41
H361 JA4 C . -1.76 -5.02 -4.74
H371 JA4 C . -2.53 -5.60 -7.07
#